data_8GKU
#
_entry.id   8GKU
#
_cell.length_a   158.324
_cell.length_b   158.324
_cell.length_c   207.650
_cell.angle_alpha   90.00
_cell.angle_beta   90.00
_cell.angle_gamma   120.00
#
_symmetry.space_group_name_H-M   'P 65 2 2'
#
loop_
_entity.id
_entity.type
_entity.pdbx_description
1 polymer 'Serine hydroxymethyltransferase, mitochondrial'
2 non-polymer 'N-{4-[5-(2-amino-4-oxo-3,4-dihydro-5H-pyrrolo[3,2-d]pyrimidin-5-yl)pentyl]-2-fluorobenzoyl}-D-glutamic acid'
3 non-polymer GLYCINE
4 non-polymer "PYRIDOXAL-5'-PHOSPHATE"
5 water water
#
_entity_poly.entity_id   1
_entity_poly.type   'polypeptide(L)'
_entity_poly.pdbx_seq_one_letter_code
;MGSSHHHHHHSSGLVPRSNAAQTQTGEANRGWTGQESLSDSDPEMWELLQREKDRQCRGLELIASENFCSRAALEALGSC
LNNKYSEGYPGKRYYGGAEVVDEIELLCQRRALEAFDLDPAQWGVNVQPYSGSPANLAVYTALLQPHDRIMGLDLPDGGH
LTHGYMSDVKRISATSIFFESMPYKLNPKTGLIDYNQLALTARLFRPRLIIAGTSAYARLIDYARMREVCDEVKAHLLAD
MAHISGLVAAKVIPSPFKHADIVTTTTHKTLRGARSGLIFYRKGVKAVDPKTGREIPYTFEDRINFAVFPSLQGGPHNHA
IAAVAVALKQACTPMFREYSLQVLKNARAMADALLERGYSLVSGGTDNHLVLVDLRPKGLDGARAERVLELVSITANKNT
CPGDRSAITPGGLRLGAPALTSRQFREDDFRRVVDFIDEGVNIGLEVKSKTAKLQDFKSFLLKDSETSQRLANLRQRVEQ
FARAFPMPGFDEH
;
_entity_poly.pdbx_strand_id   A,B
#
# COMPACT_ATOMS: atom_id res chain seq x y z
N TRP A 32 -29.96 -5.92 -0.39
CA TRP A 32 -28.65 -5.30 -0.22
C TRP A 32 -28.21 -4.64 -1.52
N THR A 33 -27.82 -3.37 -1.42
CA THR A 33 -27.41 -2.60 -2.59
C THR A 33 -25.99 -2.10 -2.53
N GLY A 34 -25.32 -2.19 -1.38
CA GLY A 34 -23.99 -1.62 -1.27
C GLY A 34 -23.95 -0.11 -1.23
N GLN A 35 -25.11 0.55 -1.20
CA GLN A 35 -25.18 1.99 -1.14
C GLN A 35 -25.66 2.47 0.22
N GLU A 36 -25.88 1.57 1.17
CA GLU A 36 -26.18 1.97 2.54
C GLU A 36 -24.99 2.69 3.15
N SER A 37 -25.28 3.73 3.93
CA SER A 37 -24.22 4.48 4.57
C SER A 37 -23.54 3.66 5.65
N LEU A 38 -22.33 4.07 6.02
CA LEU A 38 -21.61 3.40 7.10
C LEU A 38 -22.30 3.65 8.44
N SER A 39 -22.87 4.86 8.61
CA SER A 39 -23.55 5.18 9.86
C SER A 39 -24.68 4.20 10.17
N ASP A 40 -25.25 3.58 9.13
CA ASP A 40 -26.30 2.60 9.31
C ASP A 40 -25.81 1.17 9.18
N SER A 41 -24.98 0.88 8.17
CA SER A 41 -24.53 -0.48 7.92
C SER A 41 -23.70 -1.01 9.09
N ASP A 42 -22.75 -0.21 9.56
CA ASP A 42 -21.88 -0.61 10.66
C ASP A 42 -21.71 0.56 11.62
N PRO A 43 -22.44 0.56 12.74
CA PRO A 43 -22.31 1.66 13.70
C PRO A 43 -21.05 1.54 14.56
N GLU A 44 -20.65 0.30 14.86
CA GLU A 44 -19.47 0.08 15.69
C GLU A 44 -18.24 0.74 15.09
N MET A 45 -18.09 0.65 13.76
CA MET A 45 -16.98 1.33 13.09
C MET A 45 -17.27 2.82 12.93
N TRP A 46 -18.52 3.19 12.64
CA TRP A 46 -18.86 4.59 12.48
C TRP A 46 -18.63 5.37 13.77
N GLU A 47 -18.93 4.76 14.91
CA GLU A 47 -18.64 5.39 16.18
C GLU A 47 -17.15 5.56 16.43
N LEU A 48 -16.31 4.82 15.70
CA LEU A 48 -14.86 4.95 15.83
C LEU A 48 -14.29 6.02 14.92
N LEU A 49 -14.88 6.22 13.74
CA LEU A 49 -14.47 7.32 12.89
C LEU A 49 -14.67 8.66 13.58
N GLN A 50 -15.66 8.76 14.47
CA GLN A 50 -15.90 9.99 15.20
C GLN A 50 -14.99 10.12 16.41
N ARG A 51 -14.61 8.99 17.03
CA ARG A 51 -13.67 9.07 18.16
C ARG A 51 -12.30 9.52 17.71
N GLU A 52 -11.88 9.16 16.49
CA GLU A 52 -10.60 9.63 15.98
C GLU A 52 -10.73 11.03 15.38
N LYS A 53 -11.86 11.31 14.72
CA LYS A 53 -12.09 12.67 14.22
C LYS A 53 -12.13 13.68 15.35
N ASP A 54 -12.74 13.30 16.48
CA ASP A 54 -12.72 14.17 17.65
C ASP A 54 -11.32 14.27 18.23
N ARG A 55 -10.60 13.15 18.31
CA ARG A 55 -9.25 13.16 18.87
C ARG A 55 -8.31 14.00 18.01
N GLN A 56 -8.46 13.93 16.68
CA GLN A 56 -7.67 14.79 15.81
C GLN A 56 -8.06 16.25 15.97
N CYS A 57 -9.36 16.50 16.16
CA CYS A 57 -9.82 17.89 16.29
C CYS A 57 -9.49 18.47 17.65
N ARG A 58 -9.47 17.65 18.69
CA ARG A 58 -9.30 18.13 20.06
C ARG A 58 -7.85 18.15 20.52
N GLY A 59 -6.92 17.64 19.72
CA GLY A 59 -5.54 17.55 20.17
C GLY A 59 -4.56 18.37 19.37
N LEU A 60 -3.44 18.74 20.01
CA LEU A 60 -2.34 19.39 19.30
C LEU A 60 -1.47 18.32 18.67
N GLU A 61 -1.33 18.36 17.35
CA GLU A 61 -0.68 17.31 16.58
C GLU A 61 0.72 17.80 16.20
N LEU A 62 1.74 17.26 16.87
CA LEU A 62 3.12 17.64 16.63
C LEU A 62 3.96 16.53 16.02
N ILE A 63 3.36 15.37 15.72
CA ILE A 63 4.06 14.33 14.98
C ILE A 63 4.39 14.89 13.60
N ALA A 64 5.68 15.13 13.35
CA ALA A 64 6.09 15.85 12.16
C ALA A 64 5.78 15.12 10.87
N SER A 65 5.65 13.79 10.92
CA SER A 65 5.27 13.03 9.73
C SER A 65 3.76 13.00 9.52
N GLU A 66 3.01 13.86 10.20
CA GLU A 66 1.56 13.83 10.18
C GLU A 66 1.01 15.17 9.72
N ASN A 67 0.13 15.13 8.74
CA ASN A 67 -0.62 16.29 8.26
C ASN A 67 -2.08 15.90 8.13
N PHE A 68 -2.92 16.88 7.80
CA PHE A 68 -4.36 16.65 7.66
C PHE A 68 -4.74 16.76 6.19
N CYS A 69 -5.15 15.63 5.62
CA CYS A 69 -5.50 15.59 4.20
C CYS A 69 -6.75 16.41 3.93
N SER A 70 -6.77 17.06 2.77
CA SER A 70 -7.92 17.86 2.38
C SER A 70 -9.12 16.97 2.09
N ARG A 71 -10.32 17.58 2.12
CA ARG A 71 -11.52 16.83 1.83
C ARG A 71 -11.57 16.42 0.36
N ALA A 72 -11.09 17.28 -0.55
CA ALA A 72 -11.10 16.95 -1.97
C ALA A 72 -10.30 15.70 -2.26
N ALA A 73 -9.11 15.57 -1.66
CA ALA A 73 -8.32 14.37 -1.86
C ALA A 73 -8.96 13.16 -1.19
N LEU A 74 -9.56 13.36 0.00
CA LEU A 74 -10.21 12.24 0.68
C LEU A 74 -11.43 11.74 -0.09
N GLU A 75 -12.10 12.62 -0.85
CA GLU A 75 -13.19 12.17 -1.70
C GLU A 75 -12.68 11.18 -2.76
N ALA A 76 -11.54 11.48 -3.37
CA ALA A 76 -10.96 10.56 -4.34
C ALA A 76 -10.44 9.28 -3.71
N LEU A 77 -10.10 9.32 -2.42
CA LEU A 77 -9.65 8.11 -1.74
C LEU A 77 -10.77 7.07 -1.67
N GLY A 78 -11.95 7.50 -1.22
CA GLY A 78 -13.10 6.61 -1.18
C GLY A 78 -13.96 6.76 -2.41
N SER A 79 -13.42 6.42 -3.56
CA SER A 79 -14.09 6.60 -4.84
C SER A 79 -14.26 5.24 -5.52
N CYS A 80 -14.88 5.27 -6.70
CA CYS A 80 -15.08 4.05 -7.48
C CYS A 80 -13.78 3.47 -7.99
N LEU A 81 -12.67 4.19 -7.88
CA LEU A 81 -11.39 3.72 -8.39
C LEU A 81 -10.83 2.56 -7.58
N ASN A 82 -11.35 2.33 -6.38
CA ASN A 82 -10.95 1.15 -5.61
C ASN A 82 -11.37 -0.15 -6.29
N ASN A 83 -12.29 -0.07 -7.26
CA ASN A 83 -12.83 -1.24 -7.94
C ASN A 83 -12.22 -1.43 -9.33
N LYS A 84 -11.00 -0.94 -9.55
CA LYS A 84 -10.40 -0.97 -10.89
C LYS A 84 -9.00 -1.55 -10.80
N TYR A 85 -8.87 -2.84 -11.11
CA TYR A 85 -7.57 -3.46 -11.31
C TYR A 85 -6.98 -2.94 -12.62
N SER A 86 -5.91 -2.16 -12.53
CA SER A 86 -5.25 -1.57 -13.69
C SER A 86 -3.76 -1.88 -13.65
N GLU A 87 -3.44 -3.18 -13.64
CA GLU A 87 -2.05 -3.59 -13.61
C GLU A 87 -1.33 -3.11 -14.85
N GLY A 88 -0.10 -2.65 -14.66
CA GLY A 88 0.69 -2.08 -15.73
C GLY A 88 0.85 -0.57 -15.57
N TYR A 89 1.10 0.07 -16.70
CA TYR A 89 1.31 1.51 -16.77
C TYR A 89 0.55 2.03 -17.97
N PRO A 90 0.10 3.32 -17.93
CA PRO A 90 -0.76 3.85 -19.00
C PRO A 90 -0.30 3.49 -20.40
N GLY A 91 -1.12 2.69 -21.08
CA GLY A 91 -0.72 2.09 -22.34
C GLY A 91 -0.35 0.64 -22.15
N LYS A 92 0.86 0.40 -21.65
CA LYS A 92 1.33 -0.96 -21.36
C LYS A 92 0.62 -1.53 -20.14
N ARG A 93 -0.64 -1.92 -20.30
CA ARG A 93 -1.44 -2.49 -19.22
C ARG A 93 -1.87 -3.89 -19.58
N TYR A 94 -1.88 -4.77 -18.58
CA TYR A 94 -2.28 -6.16 -18.82
C TYR A 94 -3.75 -6.26 -19.17
N TYR A 95 -4.63 -5.81 -18.26
CA TYR A 95 -6.07 -5.89 -18.47
C TYR A 95 -6.52 -4.86 -19.49
N GLY A 96 -7.83 -4.65 -19.56
CA GLY A 96 -8.41 -3.61 -20.37
C GLY A 96 -9.39 -2.77 -19.56
N GLY A 97 -10.02 -1.83 -20.24
CA GLY A 97 -10.96 -0.95 -19.57
C GLY A 97 -10.33 0.12 -18.72
N ALA A 98 -9.01 0.27 -18.77
CA ALA A 98 -8.30 1.30 -18.03
C ALA A 98 -8.25 2.62 -18.78
N GLU A 99 -9.20 2.84 -19.70
CA GLU A 99 -9.16 4.03 -20.55
C GLU A 99 -9.26 5.32 -19.76
N VAL A 100 -9.87 5.28 -18.58
CA VAL A 100 -10.04 6.47 -17.76
C VAL A 100 -8.95 6.58 -16.69
N VAL A 101 -8.64 5.47 -16.01
CA VAL A 101 -7.59 5.52 -15.00
C VAL A 101 -6.23 5.77 -15.62
N ASP A 102 -6.08 5.53 -16.93
CA ASP A 102 -4.86 5.96 -17.62
C ASP A 102 -4.75 7.48 -17.63
N GLU A 103 -5.86 8.17 -17.92
CA GLU A 103 -5.84 9.63 -17.89
C GLU A 103 -5.60 10.14 -16.47
N ILE A 104 -6.02 9.39 -15.46
CA ILE A 104 -5.78 9.81 -14.07
C ILE A 104 -4.31 9.66 -13.72
N GLU A 105 -3.73 8.49 -14.00
CA GLU A 105 -2.31 8.28 -13.72
C GLU A 105 -1.44 9.21 -14.57
N LEU A 106 -1.87 9.50 -15.80
CA LEU A 106 -1.13 10.46 -16.62
C LEU A 106 -1.32 11.88 -16.12
N LEU A 107 -2.49 12.20 -15.56
CA LEU A 107 -2.68 13.50 -14.93
C LEU A 107 -1.85 13.62 -13.65
N CYS A 108 -1.80 12.53 -12.87
CA CYS A 108 -0.97 12.54 -11.67
C CYS A 108 0.50 12.70 -12.03
N GLN A 109 0.97 12.00 -13.06
CA GLN A 109 2.36 12.13 -13.48
C GLN A 109 2.65 13.54 -13.99
N ARG A 110 1.68 14.17 -14.65
CA ARG A 110 1.85 15.55 -15.08
C ARG A 110 1.91 16.49 -13.89
N ARG A 111 0.97 16.36 -12.96
CA ARG A 111 0.96 17.21 -11.77
C ARG A 111 2.08 16.88 -10.80
N ALA A 112 2.61 15.65 -10.85
CA ALA A 112 3.75 15.31 -10.00
C ALA A 112 4.98 16.13 -10.38
N LEU A 113 5.17 16.36 -11.68
CA LEU A 113 6.35 17.10 -12.13
C LEU A 113 6.15 18.60 -12.00
N GLU A 114 4.96 19.10 -12.34
CA GLU A 114 4.71 20.53 -12.27
C GLU A 114 4.86 21.06 -10.86
N ALA A 115 4.57 20.23 -9.85
CA ALA A 115 4.72 20.68 -8.46
C ALA A 115 6.17 20.91 -8.09
N PHE A 116 7.08 20.14 -8.67
CA PHE A 116 8.50 20.27 -8.39
C PHE A 116 9.28 20.91 -9.53
N ASP A 117 8.57 21.53 -10.48
CA ASP A 117 9.18 22.35 -11.53
C ASP A 117 10.13 21.52 -12.40
N LEU A 118 9.74 20.29 -12.69
CA LEU A 118 10.58 19.34 -13.41
C LEU A 118 10.23 19.31 -14.89
N ASP A 119 11.25 19.36 -15.73
CA ASP A 119 11.06 19.26 -17.17
C ASP A 119 10.59 17.85 -17.51
N PRO A 120 9.46 17.68 -18.19
CA PRO A 120 9.00 16.32 -18.54
C PRO A 120 9.94 15.58 -19.47
N ALA A 121 10.89 16.27 -20.11
CA ALA A 121 11.89 15.62 -20.93
C ALA A 121 13.17 15.29 -20.16
N GLN A 122 13.22 15.64 -18.88
CA GLN A 122 14.36 15.31 -18.02
C GLN A 122 13.98 14.45 -16.84
N TRP A 123 12.69 14.32 -16.52
CA TRP A 123 12.26 13.60 -15.34
C TRP A 123 11.01 12.79 -15.65
N GLY A 124 10.97 11.56 -15.12
CA GLY A 124 9.76 10.78 -15.06
C GLY A 124 9.36 10.56 -13.61
N VAL A 125 8.20 9.94 -13.43
CA VAL A 125 7.69 9.69 -12.09
C VAL A 125 6.84 8.44 -12.11
N ASN A 126 6.99 7.62 -11.07
CA ASN A 126 6.15 6.46 -10.84
C ASN A 126 5.24 6.79 -9.67
N VAL A 127 3.94 6.88 -9.93
CA VAL A 127 2.97 7.29 -8.92
C VAL A 127 2.25 6.10 -8.30
N GLN A 128 2.77 4.89 -8.49
CA GLN A 128 2.13 3.68 -8.00
C GLN A 128 2.68 3.07 -6.70
N PRO A 129 3.81 3.53 -6.13
CA PRO A 129 4.20 3.01 -4.81
C PRO A 129 3.09 3.17 -3.78
N TYR A 130 2.77 2.06 -3.11
CA TYR A 130 1.68 2.07 -2.14
C TYR A 130 1.95 3.05 -1.00
N SER A 131 3.21 3.18 -0.60
CA SER A 131 3.61 4.13 0.44
C SER A 131 5.07 4.48 0.23
N GLY A 132 5.65 5.22 1.19
CA GLY A 132 7.03 5.63 1.04
C GLY A 132 8.01 4.49 1.19
N SER A 133 7.74 3.57 2.12
CA SER A 133 8.61 2.41 2.28
C SER A 133 8.63 1.52 1.04
N PRO A 134 7.49 1.13 0.45
CA PRO A 134 7.55 0.38 -0.81
C PRO A 134 8.14 1.18 -1.95
N ALA A 135 8.12 2.51 -1.87
CA ALA A 135 8.78 3.32 -2.89
C ALA A 135 10.30 3.15 -2.83
N ASN A 136 10.86 3.19 -1.63
CA ASN A 136 12.30 3.04 -1.48
C ASN A 136 12.76 1.65 -1.88
N LEU A 137 12.02 0.62 -1.46
CA LEU A 137 12.38 -0.75 -1.82
C LEU A 137 12.34 -0.95 -3.33
N ALA A 138 11.46 -0.23 -4.03
CA ALA A 138 11.43 -0.34 -5.49
C ALA A 138 12.70 0.21 -6.11
N VAL A 139 13.21 1.33 -5.60
CA VAL A 139 14.44 1.90 -6.13
C VAL A 139 15.61 0.94 -5.93
N TYR A 140 15.71 0.34 -4.74
CA TYR A 140 16.80 -0.59 -4.46
C TYR A 140 16.70 -1.82 -5.36
N THR A 141 15.50 -2.37 -5.49
CA THR A 141 15.30 -3.56 -6.31
C THR A 141 15.57 -3.26 -7.78
N ALA A 142 15.23 -2.05 -8.22
CA ALA A 142 15.43 -1.69 -9.61
C ALA A 142 16.92 -1.54 -9.93
N LEU A 143 17.61 -0.70 -9.16
CA LEU A 143 18.99 -0.34 -9.51
C LEU A 143 19.99 -1.38 -9.05
N LEU A 144 19.81 -1.93 -7.86
CA LEU A 144 20.82 -2.77 -7.23
C LEU A 144 20.45 -4.24 -7.32
N GLN A 145 21.49 -5.07 -7.44
CA GLN A 145 21.35 -6.50 -7.25
C GLN A 145 21.24 -6.79 -5.75
N PRO A 146 20.69 -7.95 -5.39
CA PRO A 146 20.63 -8.32 -3.97
C PRO A 146 22.02 -8.31 -3.35
N HIS A 147 22.08 -7.82 -2.10
CA HIS A 147 23.29 -7.68 -1.30
C HIS A 147 24.25 -6.61 -1.81
N ASP A 148 23.81 -5.78 -2.76
CA ASP A 148 24.56 -4.57 -3.05
C ASP A 148 24.51 -3.62 -1.85
N ARG A 149 25.34 -2.58 -1.89
CA ARG A 149 25.63 -1.79 -0.71
C ARG A 149 24.89 -0.46 -0.75
N ILE A 150 24.20 -0.14 0.35
CA ILE A 150 23.47 1.11 0.51
C ILE A 150 23.98 1.79 1.77
N MET A 151 24.08 3.12 1.72
CA MET A 151 24.44 3.93 2.88
C MET A 151 23.34 4.94 3.15
N GLY A 152 22.81 4.92 4.37
CA GLY A 152 21.84 5.91 4.80
C GLY A 152 22.14 6.37 6.21
N LEU A 153 21.59 7.53 6.54
CA LEU A 153 21.77 8.06 7.88
C LEU A 153 21.23 7.07 8.91
N ASP A 154 21.95 6.94 10.02
CA ASP A 154 21.53 6.02 11.07
C ASP A 154 20.15 6.38 11.59
N LEU A 155 19.43 5.36 12.05
CA LEU A 155 18.07 5.61 12.55
C LEU A 155 18.08 6.44 13.83
N PRO A 156 18.88 6.13 14.85
CA PRO A 156 18.94 7.05 16.01
C PRO A 156 19.48 8.42 15.68
N ASP A 157 20.18 8.58 14.55
CA ASP A 157 20.72 9.86 14.14
C ASP A 157 19.76 10.67 13.28
N GLY A 158 18.66 10.08 12.83
CA GLY A 158 17.68 10.83 12.06
C GLY A 158 17.19 10.13 10.82
N GLY A 159 17.82 9.01 10.45
CA GLY A 159 17.43 8.30 9.25
C GLY A 159 16.18 7.46 9.45
N HIS A 160 15.67 6.97 8.33
CA HIS A 160 14.50 6.10 8.33
C HIS A 160 14.92 4.63 8.35
N LEU A 161 13.96 3.77 8.64
CA LEU A 161 14.19 2.33 8.56
C LEU A 161 14.61 1.93 7.16
N THR A 162 13.91 2.46 6.15
CA THR A 162 14.13 2.06 4.76
C THR A 162 15.50 2.47 4.23
N HIS A 163 16.29 3.21 5.00
CA HIS A 163 17.67 3.49 4.64
C HIS A 163 18.64 2.45 5.19
N GLY A 164 18.15 1.27 5.52
CA GLY A 164 18.98 0.24 6.11
C GLY A 164 19.26 0.50 7.58
N TYR A 165 18.41 -0.04 8.45
CA TYR A 165 18.69 -0.07 9.88
C TYR A 165 19.00 -1.49 10.29
N MET A 166 20.15 -1.68 10.92
CA MET A 166 20.62 -2.99 11.36
C MET A 166 20.94 -2.90 12.83
N SER A 167 20.19 -3.64 13.65
CA SER A 167 20.40 -3.61 15.09
C SER A 167 21.73 -4.26 15.44
N ASP A 168 22.07 -4.21 16.73
CA ASP A 168 23.30 -4.82 17.20
C ASP A 168 23.24 -6.35 17.21
N VAL A 169 22.11 -6.95 16.85
CA VAL A 169 21.93 -8.40 16.95
C VAL A 169 21.10 -8.92 15.79
N LYS A 170 20.12 -8.13 15.34
CA LYS A 170 19.16 -8.58 14.33
C LYS A 170 19.17 -7.62 13.14
N ARG A 171 18.72 -8.12 12.00
CA ARG A 171 18.45 -7.29 10.83
C ARG A 171 17.01 -6.79 10.92
N ILE A 172 16.85 -5.49 11.16
CA ILE A 172 15.53 -4.90 11.39
C ILE A 172 14.85 -4.63 10.06
N SER A 173 15.30 -3.59 9.36
CA SER A 173 14.69 -3.22 8.09
C SER A 173 14.94 -4.28 7.03
N ALA A 174 13.98 -4.42 6.11
CA ALA A 174 14.16 -5.32 4.98
C ALA A 174 15.24 -4.83 4.03
N THR A 175 15.55 -3.54 4.06
CA THR A 175 16.67 -3.02 3.28
C THR A 175 17.99 -3.62 3.78
N SER A 176 18.10 -3.82 5.09
CA SER A 176 19.28 -4.43 5.68
C SER A 176 19.35 -5.94 5.45
N ILE A 177 18.31 -6.55 4.87
CA ILE A 177 18.26 -7.99 4.69
C ILE A 177 18.61 -8.34 3.25
N PHE A 178 17.86 -7.78 2.30
CA PHE A 178 18.11 -8.02 0.89
C PHE A 178 19.25 -7.18 0.34
N PHE A 179 19.83 -6.31 1.17
CA PHE A 179 21.00 -5.53 0.80
C PHE A 179 21.87 -5.35 2.05
N GLU A 180 23.15 -5.11 1.83
CA GLU A 180 24.08 -4.86 2.92
C GLU A 180 24.21 -3.35 3.12
N SER A 181 23.88 -2.88 4.32
CA SER A 181 23.81 -1.46 4.59
C SER A 181 24.82 -1.08 5.66
N MET A 182 25.51 0.05 5.44
CA MET A 182 26.33 0.68 6.46
C MET A 182 25.84 2.11 6.66
N PRO A 183 25.56 2.51 7.90
CA PRO A 183 25.06 3.85 8.14
C PRO A 183 26.17 4.87 8.37
N TYR A 184 25.85 6.12 8.08
CA TYR A 184 26.67 7.24 8.51
C TYR A 184 25.96 7.98 9.64
N LYS A 185 26.75 8.72 10.41
CA LYS A 185 26.27 9.27 11.67
C LYS A 185 26.37 10.79 11.64
N LEU A 186 25.70 11.41 12.62
CA LEU A 186 25.82 12.84 12.82
C LEU A 186 27.16 13.18 13.44
N ASN A 187 27.55 14.45 13.33
CA ASN A 187 28.63 14.98 14.15
C ASN A 187 28.01 15.46 15.45
N PRO A 188 28.17 14.75 16.57
CA PRO A 188 27.46 15.12 17.80
C PRO A 188 27.77 16.52 18.29
N LYS A 189 28.91 17.09 17.91
CA LYS A 189 29.25 18.44 18.35
C LYS A 189 28.38 19.48 17.67
N THR A 190 27.93 19.23 16.45
CA THR A 190 27.14 20.18 15.69
C THR A 190 25.71 19.72 15.40
N GLY A 191 25.37 18.47 15.69
CA GLY A 191 24.05 17.96 15.39
C GLY A 191 23.74 17.81 13.91
N LEU A 192 24.66 18.17 13.03
CA LEU A 192 24.47 18.04 11.60
C LEU A 192 25.05 16.71 11.11
N ILE A 193 24.75 16.39 9.84
CA ILE A 193 25.37 15.24 9.21
C ILE A 193 26.86 15.51 9.03
N ASP A 194 27.69 14.57 9.47
CA ASP A 194 29.14 14.69 9.27
C ASP A 194 29.44 14.24 7.85
N TYR A 195 29.35 15.20 6.91
CA TYR A 195 29.62 14.90 5.51
C TYR A 195 31.08 14.49 5.30
N ASN A 196 31.96 14.75 6.27
CA ASN A 196 33.36 14.41 6.12
C ASN A 196 33.63 12.95 6.52
N GLN A 197 32.92 12.45 7.54
CA GLN A 197 33.05 11.04 7.86
C GLN A 197 32.31 10.16 6.86
N LEU A 198 31.24 10.68 6.26
CA LEU A 198 30.55 9.95 5.21
C LEU A 198 31.47 9.72 4.02
N ALA A 199 32.14 10.77 3.55
CA ALA A 199 33.06 10.63 2.43
C ALA A 199 34.21 9.70 2.78
N LEU A 200 34.70 9.76 4.01
CA LEU A 200 35.78 8.87 4.42
C LEU A 200 35.31 7.42 4.48
N THR A 201 34.09 7.20 4.98
CA THR A 201 33.58 5.83 5.11
C THR A 201 33.03 5.29 3.80
N ALA A 202 32.53 6.16 2.93
CA ALA A 202 32.00 5.72 1.65
C ALA A 202 33.09 5.29 0.67
N ARG A 203 34.36 5.61 0.96
CA ARG A 203 35.45 5.15 0.09
C ARG A 203 35.90 3.75 0.47
N LEU A 204 35.78 3.37 1.74
CA LEU A 204 36.10 2.01 2.14
C LEU A 204 34.92 1.07 1.89
N PHE A 205 33.70 1.51 2.24
CA PHE A 205 32.52 0.67 2.03
C PHE A 205 32.18 0.54 0.56
N ARG A 206 32.42 1.59 -0.24
CA ARG A 206 32.15 1.61 -1.67
C ARG A 206 30.71 1.21 -1.96
N PRO A 207 29.73 2.01 -1.56
CA PRO A 207 28.34 1.66 -1.81
C PRO A 207 27.93 1.94 -3.25
N ARG A 208 26.82 1.32 -3.64
CA ARG A 208 26.21 1.57 -4.93
C ARG A 208 25.06 2.58 -4.85
N LEU A 209 24.69 3.00 -3.65
CA LEU A 209 23.59 3.93 -3.45
C LEU A 209 23.73 4.58 -2.08
N ILE A 210 23.71 5.90 -2.05
CA ILE A 210 23.71 6.67 -0.80
C ILE A 210 22.45 7.49 -0.75
N ILE A 211 21.78 7.48 0.40
CA ILE A 211 20.46 8.06 0.56
C ILE A 211 20.59 9.40 1.27
N ALA A 212 19.99 10.44 0.69
CA ALA A 212 19.98 11.77 1.29
C ALA A 212 18.60 12.11 1.82
N GLY A 213 18.07 11.27 2.70
CA GLY A 213 16.77 11.51 3.29
C GLY A 213 16.84 11.37 4.81
N THR A 214 15.94 12.08 5.48
CA THR A 214 15.95 12.15 6.93
C THR A 214 14.52 12.13 7.46
N SER A 215 14.41 11.79 8.74
CA SER A 215 13.18 11.94 9.50
C SER A 215 13.35 12.93 10.63
N ALA A 216 14.31 12.71 11.53
CA ALA A 216 14.56 13.62 12.64
C ALA A 216 15.84 14.42 12.39
N TYR A 217 15.74 15.33 11.43
CA TYR A 217 16.82 16.24 11.08
C TYR A 217 16.22 17.62 10.89
N ALA A 218 16.66 18.58 11.71
CA ALA A 218 16.10 19.91 11.71
C ALA A 218 16.82 20.86 10.75
N ARG A 219 17.68 20.34 9.88
CA ARG A 219 18.53 21.19 9.05
C ARG A 219 18.40 20.78 7.59
N LEU A 220 19.06 21.55 6.72
CA LEU A 220 19.05 21.31 5.29
C LEU A 220 20.20 20.39 4.91
N ILE A 221 19.92 19.46 4.01
CA ILE A 221 20.89 18.46 3.57
C ILE A 221 21.72 19.04 2.43
N ASP A 222 23.05 18.89 2.54
CA ASP A 222 23.98 19.39 1.52
C ASP A 222 23.98 18.41 0.35
N TYR A 223 22.95 18.51 -0.48
CA TYR A 223 22.78 17.58 -1.59
C TYR A 223 23.94 17.68 -2.58
N ALA A 224 24.56 18.86 -2.71
CA ALA A 224 25.73 18.98 -3.57
C ALA A 224 26.90 18.19 -3.01
N ARG A 225 27.10 18.25 -1.69
CA ARG A 225 28.16 17.46 -1.06
C ARG A 225 27.88 15.96 -1.17
N MET A 226 26.60 15.57 -1.14
CA MET A 226 26.26 14.16 -1.28
C MET A 226 26.60 13.64 -2.67
N ARG A 227 26.15 14.35 -3.71
CA ARG A 227 26.36 13.88 -5.08
C ARG A 227 27.85 13.73 -5.39
N GLU A 228 28.67 14.66 -4.88
CA GLU A 228 30.12 14.54 -5.07
C GLU A 228 30.63 13.22 -4.51
N VAL A 229 30.20 12.86 -3.31
CA VAL A 229 30.59 11.59 -2.71
C VAL A 229 30.07 10.43 -3.54
N CYS A 230 28.81 10.52 -3.99
CA CYS A 230 28.25 9.48 -4.85
C CYS A 230 28.97 9.41 -6.18
N ASP A 231 29.39 10.57 -6.71
CA ASP A 231 30.15 10.57 -7.95
C ASP A 231 31.52 9.92 -7.75
N GLU A 232 32.18 10.21 -6.63
CA GLU A 232 33.54 9.73 -6.42
C GLU A 232 33.59 8.21 -6.32
N VAL A 233 32.65 7.61 -5.60
CA VAL A 233 32.66 6.17 -5.36
C VAL A 233 31.74 5.44 -6.35
N LYS A 234 31.37 6.09 -7.46
CA LYS A 234 30.54 5.49 -8.50
C LYS A 234 29.25 4.94 -7.91
N ALA A 235 28.46 5.83 -7.32
CA ALA A 235 27.23 5.46 -6.65
C ALA A 235 26.09 6.35 -7.09
N HIS A 236 24.87 5.89 -6.84
CA HIS A 236 23.67 6.66 -7.13
C HIS A 236 23.26 7.44 -5.90
N LEU A 237 22.87 8.69 -6.11
CA LEU A 237 22.36 9.54 -5.04
C LEU A 237 20.84 9.46 -5.00
N LEU A 238 20.31 8.92 -3.91
CA LEU A 238 18.87 8.86 -3.69
C LEU A 238 18.45 9.92 -2.68
N ALA A 239 17.44 10.69 -3.05
CA ALA A 239 16.88 11.72 -2.18
C ALA A 239 15.52 11.25 -1.68
N ASP A 240 15.44 10.93 -0.40
CA ASP A 240 14.19 10.48 0.22
C ASP A 240 13.63 11.66 1.00
N MET A 241 12.97 12.56 0.28
CA MET A 241 12.48 13.84 0.83
C MET A 241 11.06 13.73 1.37
N ALA A 242 10.73 12.61 2.03
CA ALA A 242 9.36 12.42 2.50
C ALA A 242 8.92 13.50 3.46
N HIS A 243 9.82 13.95 4.33
CA HIS A 243 9.46 14.95 5.32
C HIS A 243 9.39 16.36 4.74
N ILE A 244 10.19 16.66 3.71
CA ILE A 244 10.31 18.00 3.18
C ILE A 244 9.71 18.12 1.78
N SER A 245 8.93 17.14 1.35
CA SER A 245 8.42 17.13 -0.02
C SER A 245 7.55 18.36 -0.30
N GLY A 246 6.73 18.77 0.68
CA GLY A 246 5.92 19.96 0.48
C GLY A 246 6.72 21.24 0.51
N LEU A 247 7.79 21.27 1.31
CA LEU A 247 8.66 22.45 1.33
C LEU A 247 9.42 22.57 0.02
N VAL A 248 9.82 21.45 -0.56
CA VAL A 248 10.50 21.47 -1.86
C VAL A 248 9.54 21.91 -2.95
N ALA A 249 8.29 21.44 -2.89
CA ALA A 249 7.31 21.76 -3.92
C ALA A 249 7.01 23.25 -3.97
N ALA A 250 6.99 23.91 -2.81
CA ALA A 250 6.74 25.33 -2.74
C ALA A 250 8.00 26.17 -2.90
N LYS A 251 9.16 25.53 -3.09
CA LYS A 251 10.43 26.23 -3.27
C LYS A 251 10.74 27.16 -2.11
N VAL A 252 10.45 26.70 -0.89
CA VAL A 252 10.87 27.42 0.31
C VAL A 252 12.19 26.89 0.86
N ILE A 253 12.64 25.73 0.38
CA ILE A 253 13.97 25.22 0.69
C ILE A 253 14.60 24.70 -0.59
N PRO A 254 15.93 24.56 -0.61
CA PRO A 254 16.58 24.01 -1.81
C PRO A 254 16.02 22.65 -2.20
N SER A 255 15.99 22.41 -3.51
CA SER A 255 15.37 21.22 -4.08
C SER A 255 16.41 20.13 -4.31
N PRO A 256 16.20 18.93 -3.78
CA PRO A 256 17.14 17.82 -4.04
C PRO A 256 17.18 17.39 -5.49
N PHE A 257 16.20 17.78 -6.32
CA PHE A 257 16.24 17.44 -7.74
C PHE A 257 17.43 18.08 -8.43
N LYS A 258 17.94 19.19 -7.87
CA LYS A 258 19.09 19.87 -8.47
C LYS A 258 20.40 19.14 -8.22
N HIS A 259 20.39 18.02 -7.51
CA HIS A 259 21.62 17.31 -7.22
C HIS A 259 21.41 15.81 -7.17
N ALA A 260 20.20 15.36 -6.90
CA ALA A 260 19.91 13.94 -6.93
C ALA A 260 19.39 13.53 -8.31
N ASP A 261 19.52 12.24 -8.61
CA ASP A 261 18.97 11.68 -9.83
C ASP A 261 17.86 10.68 -9.58
N ILE A 262 17.68 10.23 -8.34
CA ILE A 262 16.51 9.46 -7.93
C ILE A 262 15.94 10.13 -6.69
N VAL A 263 14.66 10.48 -6.73
CA VAL A 263 14.00 11.17 -5.62
C VAL A 263 12.75 10.39 -5.26
N THR A 264 12.73 9.82 -4.05
CA THR A 264 11.54 9.20 -3.50
C THR A 264 10.90 10.13 -2.48
N THR A 265 9.58 10.01 -2.37
CA THR A 265 8.84 10.87 -1.46
C THR A 265 7.50 10.24 -1.13
N THR A 266 6.97 10.63 0.03
CA THR A 266 5.61 10.28 0.41
C THR A 266 4.67 11.39 -0.01
N THR A 267 3.44 11.01 -0.35
CA THR A 267 2.43 11.99 -0.71
C THR A 267 1.71 12.56 0.51
N HIS A 268 1.88 11.95 1.68
CA HIS A 268 1.40 12.57 2.93
C HIS A 268 2.51 13.44 3.51
N LYS A 269 2.45 13.67 4.82
CA LYS A 269 3.36 14.60 5.51
C LYS A 269 3.21 15.97 4.94
N THR A 270 4.34 16.66 4.72
CA THR A 270 4.30 18.05 4.27
C THR A 270 3.64 18.25 2.91
N LEU A 271 3.28 17.17 2.23
CA LEU A 271 2.55 17.29 0.97
C LEU A 271 1.04 17.28 1.16
N ARG A 272 0.56 16.88 2.34
CA ARG A 272 -0.84 17.05 2.73
C ARG A 272 -1.79 16.28 1.81
N GLY A 273 -1.38 15.07 1.44
CA GLY A 273 -2.17 14.23 0.56
C GLY A 273 -2.41 12.85 1.14
N ALA A 274 -3.09 12.03 0.35
CA ALA A 274 -3.36 10.66 0.74
C ALA A 274 -2.06 9.86 0.83
N ARG A 275 -2.13 8.72 1.51
CA ARG A 275 -0.95 7.91 1.76
C ARG A 275 -0.53 7.18 0.49
N SER A 276 0.55 7.65 -0.12
CA SER A 276 1.14 6.98 -1.28
C SER A 276 2.59 7.44 -1.39
N GLY A 277 3.30 6.84 -2.33
CA GLY A 277 4.69 7.18 -2.56
C GLY A 277 4.94 7.44 -4.03
N LEU A 278 5.90 8.32 -4.28
CA LEU A 278 6.31 8.67 -5.64
C LEU A 278 7.81 8.45 -5.80
N ILE A 279 8.21 8.08 -7.01
CA ILE A 279 9.62 7.93 -7.37
C ILE A 279 9.89 8.84 -8.56
N PHE A 280 10.64 9.91 -8.32
CA PHE A 280 11.13 10.76 -9.40
C PHE A 280 12.50 10.27 -9.83
N TYR A 281 12.70 10.15 -11.14
CA TYR A 281 13.96 9.69 -11.69
C TYR A 281 14.29 10.55 -12.91
N ARG A 282 15.54 10.44 -13.35
CA ARG A 282 15.99 11.17 -14.53
C ARG A 282 15.88 10.31 -15.77
N LYS A 283 15.62 10.97 -16.91
CA LYS A 283 15.54 10.30 -18.18
C LYS A 283 16.05 11.25 -19.26
N GLY A 284 16.25 10.70 -20.46
CA GLY A 284 16.82 11.48 -21.54
C GLY A 284 18.32 11.33 -21.61
N VAL A 285 19.01 12.38 -22.07
CA VAL A 285 20.46 12.31 -22.23
C VAL A 285 21.13 12.41 -20.87
N LYS A 286 21.94 11.41 -20.54
CA LYS A 286 22.77 11.48 -19.34
C LYS A 286 23.91 12.46 -19.57
N ALA A 287 24.82 12.12 -20.47
CA ALA A 287 25.93 12.99 -20.82
C ALA A 287 26.41 12.62 -22.23
N VAL A 288 27.30 13.44 -22.77
CA VAL A 288 27.88 13.20 -24.08
C VAL A 288 29.14 12.37 -23.91
N ASP A 289 29.30 11.38 -24.78
CA ASP A 289 30.40 10.42 -24.63
C ASP A 289 31.71 11.03 -25.14
N PRO A 290 32.79 10.93 -24.37
CA PRO A 290 34.13 11.40 -24.78
C PRO A 290 34.87 10.36 -25.63
N THR A 292 34.30 10.75 -29.23
CA THR A 292 33.28 9.91 -29.85
C THR A 292 32.03 10.71 -30.18
N GLY A 293 31.31 11.13 -29.14
CA GLY A 293 30.07 11.86 -29.30
C GLY A 293 28.81 11.05 -29.14
N ARG A 294 28.90 9.83 -28.59
CA ARG A 294 27.72 9.01 -28.40
C ARG A 294 26.83 9.59 -27.31
N GLU A 295 25.53 9.40 -27.46
CA GLU A 295 24.54 9.91 -26.52
C GLU A 295 24.29 8.85 -25.46
N ILE A 296 24.94 8.98 -24.30
CA ILE A 296 24.71 8.06 -23.19
C ILE A 296 23.32 8.33 -22.61
N PRO A 297 22.49 7.31 -22.43
CA PRO A 297 21.12 7.56 -21.93
C PRO A 297 21.01 7.40 -20.42
N TYR A 298 19.83 7.70 -19.89
CA TYR A 298 19.51 7.36 -18.51
C TYR A 298 18.78 6.03 -18.49
N THR A 299 19.13 5.19 -17.51
CA THR A 299 18.61 3.82 -17.44
C THR A 299 17.74 3.62 -16.21
N PHE A 300 17.08 4.67 -15.74
CA PHE A 300 16.22 4.58 -14.56
C PHE A 300 14.78 4.25 -14.94
N GLU A 301 14.25 4.92 -15.97
CA GLU A 301 12.82 4.87 -16.28
C GLU A 301 12.31 3.44 -16.38
N ASP A 302 13.05 2.57 -17.05
CA ASP A 302 12.55 1.22 -17.30
C ASP A 302 12.87 0.25 -16.16
N ARG A 303 13.97 0.46 -15.43
CA ARG A 303 14.24 -0.37 -14.27
C ARG A 303 13.33 -0.01 -13.11
N ILE A 304 13.14 1.29 -12.86
CA ILE A 304 12.29 1.74 -11.76
C ILE A 304 10.88 1.21 -11.93
N ASN A 305 10.27 1.46 -13.10
CA ASN A 305 8.90 1.03 -13.33
C ASN A 305 8.76 -0.48 -13.21
N PHE A 306 9.71 -1.24 -13.78
CA PHE A 306 9.64 -2.69 -13.71
C PHE A 306 9.73 -3.19 -12.27
N ALA A 307 10.46 -2.47 -11.41
CA ALA A 307 10.55 -2.88 -10.01
C ALA A 307 9.22 -2.69 -9.30
N VAL A 308 8.58 -1.54 -9.52
CA VAL A 308 7.29 -1.28 -8.89
C VAL A 308 6.26 -2.29 -9.36
N PHE A 309 6.23 -2.57 -10.66
CA PHE A 309 5.40 -3.60 -11.24
C PHE A 309 6.09 -4.02 -12.53
N PRO A 310 6.23 -5.32 -12.81
CA PRO A 310 5.65 -6.47 -12.09
C PRO A 310 6.47 -7.04 -10.93
N SER A 311 7.62 -6.44 -10.62
CA SER A 311 8.53 -7.08 -9.67
C SER A 311 7.96 -7.11 -8.25
N LEU A 312 7.58 -5.94 -7.73
CA LEU A 312 7.26 -5.83 -6.30
C LEU A 312 5.76 -5.75 -6.02
N GLN A 313 5.06 -4.83 -6.64
CA GLN A 313 3.66 -4.60 -6.32
C GLN A 313 2.76 -5.28 -7.37
N GLY A 314 1.50 -4.88 -7.43
CA GLY A 314 0.57 -5.45 -8.38
C GLY A 314 -0.50 -4.47 -8.82
N GLY A 315 -1.72 -4.65 -8.32
CA GLY A 315 -2.80 -3.75 -8.63
C GLY A 315 -2.58 -2.38 -8.03
N PRO A 316 -2.46 -1.37 -8.89
CA PRO A 316 -2.24 0.00 -8.39
C PRO A 316 -3.47 0.51 -7.66
N HIS A 317 -3.24 1.03 -6.45
CA HIS A 317 -4.32 1.65 -5.67
C HIS A 317 -4.74 2.93 -6.39
N ASN A 318 -5.61 2.77 -7.39
CA ASN A 318 -6.01 3.88 -8.24
C ASN A 318 -6.72 4.98 -7.47
N HIS A 319 -7.27 4.68 -6.29
CA HIS A 319 -7.93 5.71 -5.51
C HIS A 319 -6.90 6.65 -4.88
N ALA A 320 -5.85 6.09 -4.28
CA ALA A 320 -4.78 6.93 -3.75
C ALA A 320 -4.09 7.68 -4.88
N ILE A 321 -3.84 7.01 -6.00
CA ILE A 321 -3.18 7.65 -7.14
C ILE A 321 -3.95 8.89 -7.58
N ALA A 322 -5.29 8.81 -7.57
CA ALA A 322 -6.09 9.98 -7.93
C ALA A 322 -6.13 10.99 -6.81
N ALA A 323 -6.26 10.52 -5.55
CA ALA A 323 -6.24 11.44 -4.41
C ALA A 323 -4.92 12.18 -4.32
N VAL A 324 -3.83 11.55 -4.76
CA VAL A 324 -2.52 12.22 -4.76
C VAL A 324 -2.54 13.39 -5.74
N ALA A 325 -3.09 13.17 -6.92
CA ALA A 325 -3.11 14.21 -7.94
C ALA A 325 -3.89 15.44 -7.50
N VAL A 326 -4.83 15.29 -6.59
CA VAL A 326 -5.53 16.45 -6.03
C VAL A 326 -4.60 17.24 -5.12
N ALA A 327 -3.85 16.54 -4.26
CA ALA A 327 -2.91 17.22 -3.38
C ALA A 327 -1.79 17.89 -4.16
N LEU A 328 -1.39 17.31 -5.30
CA LEU A 328 -0.34 17.90 -6.10
C LEU A 328 -0.81 19.18 -6.77
N LYS A 329 -2.07 19.22 -7.21
CA LYS A 329 -2.61 20.44 -7.80
C LYS A 329 -2.64 21.58 -6.78
N GLN A 330 -2.91 21.25 -5.52
CA GLN A 330 -2.85 22.26 -4.46
C GLN A 330 -1.41 22.74 -4.24
N ALA A 331 -0.45 21.82 -4.36
CA ALA A 331 0.94 22.17 -4.11
C ALA A 331 1.50 23.14 -5.15
N CYS A 332 0.87 23.24 -6.31
CA CYS A 332 1.27 24.18 -7.34
C CYS A 332 0.67 25.57 -7.15
N THR A 333 -0.18 25.75 -6.14
CA THR A 333 -0.93 26.98 -5.95
C THR A 333 -0.26 27.87 -4.89
N PRO A 334 -0.47 29.18 -4.96
CA PRO A 334 0.14 30.07 -3.95
C PRO A 334 -0.27 29.76 -2.53
N MET A 335 -1.45 29.17 -2.32
CA MET A 335 -1.86 28.79 -0.98
C MET A 335 -0.82 27.86 -0.35
N PHE A 336 -0.32 26.88 -1.11
CA PHE A 336 0.73 26.02 -0.62
C PHE A 336 2.03 26.78 -0.43
N ARG A 337 2.32 27.72 -1.35
CA ARG A 337 3.48 28.58 -1.18
C ARG A 337 3.42 29.34 0.13
N GLU A 338 2.22 29.76 0.54
CA GLU A 338 2.07 30.43 1.84
C GLU A 338 1.99 29.42 2.98
N TYR A 339 1.35 28.28 2.76
CA TYR A 339 1.29 27.25 3.79
C TYR A 339 2.69 26.76 4.15
N SER A 340 3.46 26.32 3.15
CA SER A 340 4.80 25.81 3.40
C SER A 340 5.69 26.89 4.00
N LEU A 341 5.58 28.12 3.51
CA LEU A 341 6.37 29.22 4.07
C LEU A 341 5.94 29.52 5.50
N GLN A 342 4.67 29.30 5.83
CA GLN A 342 4.21 29.46 7.21
C GLN A 342 4.74 28.33 8.09
N VAL A 343 4.80 27.11 7.54
CA VAL A 343 5.32 25.97 8.30
C VAL A 343 6.72 26.27 8.81
N LEU A 344 7.52 26.98 8.01
CA LEU A 344 8.87 27.32 8.43
C LEU A 344 8.84 28.37 9.55
N LYS A 345 8.02 29.40 9.38
CA LYS A 345 7.95 30.45 10.41
C LYS A 345 7.41 29.90 11.72
N ASN A 346 6.59 28.85 11.67
CA ASN A 346 6.04 28.28 12.89
C ASN A 346 7.02 27.37 13.60
N ALA A 347 7.88 26.68 12.85
CA ALA A 347 8.93 25.88 13.49
C ALA A 347 9.93 26.76 14.21
N ARG A 348 10.35 27.86 13.58
CA ARG A 348 11.20 28.83 14.27
C ARG A 348 10.49 29.40 15.49
N ALA A 349 9.21 29.76 15.33
CA ALA A 349 8.44 30.25 16.46
C ALA A 349 8.35 29.21 17.57
N MET A 350 8.25 27.93 17.20
CA MET A 350 8.31 26.87 18.19
C MET A 350 9.73 26.70 18.70
N ALA A 351 10.73 26.83 17.83
CA ALA A 351 12.12 26.72 18.24
C ALA A 351 12.51 27.85 19.17
N ASP A 352 12.27 29.09 18.75
CA ASP A 352 12.65 30.24 19.56
C ASP A 352 11.92 30.25 20.90
N ALA A 353 10.68 29.76 20.93
CA ALA A 353 9.95 29.71 22.19
C ALA A 353 10.59 28.75 23.17
N LEU A 354 10.99 27.57 22.70
CA LEU A 354 11.69 26.62 23.56
C LEU A 354 13.03 27.17 24.01
N LEU A 355 13.76 27.82 23.10
CA LEU A 355 15.06 28.39 23.44
C LEU A 355 14.91 29.44 24.55
N GLU A 356 13.94 30.33 24.41
CA GLU A 356 13.73 31.37 25.42
C GLU A 356 13.25 30.80 26.75
N ARG A 357 12.78 29.55 26.76
N ARG A 357 12.77 29.55 26.77
CA ARG A 357 12.37 28.88 27.99
CA ARG A 357 12.37 28.89 28.00
C ARG A 357 13.44 27.96 28.55
C ARG A 357 13.43 27.95 28.54
N GLY A 358 14.65 27.99 28.00
CA GLY A 358 15.73 27.17 28.51
C GLY A 358 15.73 25.74 28.02
N TYR A 359 15.44 25.53 26.74
CA TYR A 359 15.42 24.21 26.14
C TYR A 359 16.58 24.07 25.17
N SER A 360 17.21 22.90 25.19
CA SER A 360 18.27 22.58 24.24
C SER A 360 17.65 22.02 22.96
N LEU A 361 18.03 22.61 21.84
CA LEU A 361 17.61 22.15 20.52
C LEU A 361 18.80 21.51 19.82
N VAL A 362 18.63 20.26 19.38
CA VAL A 362 19.66 19.61 18.59
C VAL A 362 19.95 20.45 17.36
N SER A 363 21.24 20.69 17.10
CA SER A 363 21.73 21.57 16.04
C SER A 363 21.37 23.04 16.28
N GLY A 364 21.03 23.41 17.52
CA GLY A 364 20.83 24.79 17.87
C GLY A 364 19.47 25.36 17.50
N GLY A 365 18.94 24.97 16.35
CA GLY A 365 17.66 25.48 15.91
C GLY A 365 17.01 24.63 14.84
N THR A 366 16.54 25.26 13.76
CA THR A 366 15.86 24.54 12.71
C THR A 366 15.87 25.36 11.43
N ASP A 367 15.84 24.64 10.30
CA ASP A 367 15.73 25.27 8.98
C ASP A 367 14.58 24.69 8.17
N ASN A 368 13.67 23.94 8.79
CA ASN A 368 12.57 23.32 8.08
C ASN A 368 11.31 23.31 8.91
N HIS A 369 10.58 22.19 8.88
CA HIS A 369 9.34 22.00 9.62
C HIS A 369 9.55 21.38 10.99
N LEU A 370 10.74 20.85 11.27
CA LEU A 370 11.03 20.09 12.46
C LEU A 370 11.68 20.96 13.53
N VAL A 371 11.61 20.50 14.77
CA VAL A 371 12.35 21.06 15.89
C VAL A 371 12.70 19.89 16.79
N LEU A 372 13.99 19.55 16.85
CA LEU A 372 14.46 18.52 17.77
C LEU A 372 14.81 19.15 19.11
N VAL A 373 14.25 18.62 20.17
CA VAL A 373 14.41 19.15 21.52
C VAL A 373 15.24 18.17 22.33
N ASP A 374 16.14 18.69 23.15
CA ASP A 374 16.99 17.88 24.03
C ASP A 374 16.53 18.13 25.46
N LEU A 375 15.91 17.11 26.07
CA LEU A 375 15.36 17.25 27.41
C LEU A 375 16.32 16.83 28.51
N ARG A 376 17.47 16.25 28.16
CA ARG A 376 18.47 15.90 29.16
C ARG A 376 18.88 17.09 30.04
N PRO A 377 19.03 18.33 29.53
CA PRO A 377 19.32 19.43 30.45
C PRO A 377 18.20 19.70 31.46
N LYS A 378 16.95 19.78 30.99
CA LYS A 378 15.85 20.13 31.89
C LYS A 378 15.58 19.07 32.95
N GLY A 379 16.06 17.84 32.74
CA GLY A 379 15.96 16.80 33.74
C GLY A 379 15.05 15.64 33.39
N LEU A 380 14.31 15.73 32.29
CA LEU A 380 13.38 14.67 31.89
C LEU A 380 13.91 13.98 30.63
N ASP A 381 13.35 12.80 30.35
CA ASP A 381 13.71 12.02 29.18
C ASP A 381 12.51 11.92 28.25
N GLY A 382 12.81 11.77 26.95
CA GLY A 382 11.76 11.80 25.94
C GLY A 382 10.68 10.77 26.13
N ALA A 383 11.02 9.63 26.75
CA ALA A 383 10.01 8.60 26.99
C ALA A 383 8.97 9.05 28.01
N ARG A 384 9.36 9.91 28.95
CA ARG A 384 8.41 10.38 29.96
C ARG A 384 7.62 11.57 29.45
N ALA A 385 8.27 12.51 28.75
CA ALA A 385 7.56 13.66 28.21
C ALA A 385 6.55 13.24 27.15
N GLU A 386 6.86 12.20 26.38
CA GLU A 386 5.92 11.71 25.37
C GLU A 386 4.64 11.18 26.02
N ARG A 387 4.76 10.55 27.20
CA ARG A 387 3.59 10.02 27.88
C ARG A 387 2.73 11.15 28.45
N VAL A 388 3.37 12.12 29.10
CA VAL A 388 2.62 13.23 29.70
C VAL A 388 1.93 14.05 28.62
N LEU A 389 2.69 14.45 27.59
CA LEU A 389 2.10 15.23 26.52
C LEU A 389 1.00 14.45 25.80
N GLU A 390 1.12 13.13 25.73
CA GLU A 390 0.06 12.31 25.15
C GLU A 390 -1.20 12.35 26.00
N LEU A 391 -1.05 12.35 27.32
CA LEU A 391 -2.20 12.37 28.22
C LEU A 391 -2.92 13.71 28.22
N VAL A 392 -2.31 14.77 27.69
CA VAL A 392 -2.96 16.06 27.53
C VAL A 392 -3.26 16.35 26.06
N SER A 393 -3.27 15.31 25.22
CA SER A 393 -3.60 15.40 23.81
C SER A 393 -2.59 16.23 23.01
N ILE A 394 -1.34 16.22 23.43
CA ILE A 394 -0.25 16.83 22.66
C ILE A 394 0.60 15.68 22.13
N THR A 395 0.38 15.31 20.87
CA THR A 395 1.01 14.14 20.28
C THR A 395 2.38 14.52 19.74
N ALA A 396 3.43 14.07 20.42
CA ALA A 396 4.80 14.11 19.92
C ALA A 396 5.38 12.71 20.00
N ASN A 397 6.64 12.56 19.59
CA ASN A 397 7.31 11.28 19.70
C ASN A 397 8.72 11.50 20.23
N LYS A 398 9.17 10.56 21.06
CA LYS A 398 10.51 10.63 21.60
C LYS A 398 11.55 10.49 20.48
N ASN A 399 12.69 11.13 20.68
CA ASN A 399 13.77 11.11 19.69
C ASN A 399 15.10 10.97 20.40
N THR A 400 15.96 10.11 19.87
CA THR A 400 17.30 9.98 20.42
C THR A 400 18.11 11.23 20.13
N CYS A 401 19.13 11.45 20.95
CA CYS A 401 19.95 12.65 20.80
C CYS A 401 21.38 12.27 20.43
N PRO A 402 22.11 13.17 19.78
CA PRO A 402 23.54 12.92 19.51
C PRO A 402 24.32 12.65 20.78
N GLY A 403 24.61 11.39 21.05
CA GLY A 403 25.37 11.03 22.23
C GLY A 403 24.91 9.75 22.89
N ASP A 404 23.71 9.77 23.47
CA ASP A 404 23.21 8.60 24.18
C ASP A 404 23.00 7.43 23.21
N ARG A 405 23.52 6.27 23.60
CA ARG A 405 23.37 5.06 22.82
C ARG A 405 21.89 4.74 22.60
N SER A 406 21.61 3.96 21.54
CA SER A 406 20.23 3.57 21.26
C SER A 406 19.64 2.69 22.34
N ALA A 407 20.48 2.00 23.13
CA ALA A 407 20.02 1.22 24.26
C ALA A 407 19.78 2.07 25.51
N ILE A 408 19.26 3.28 25.32
CA ILE A 408 19.04 4.22 26.41
C ILE A 408 17.65 4.82 26.24
N THR A 409 17.01 5.15 27.36
CA THR A 409 15.78 5.91 27.33
C THR A 409 16.03 7.23 26.61
N PRO A 410 15.31 7.54 25.52
CA PRO A 410 15.65 8.72 24.74
C PRO A 410 15.45 10.00 25.53
N GLY A 411 16.36 10.95 25.34
CA GLY A 411 16.28 12.23 26.00
C GLY A 411 15.95 13.37 25.06
N GLY A 412 14.99 13.15 24.17
CA GLY A 412 14.64 14.15 23.19
C GLY A 412 13.25 13.95 22.64
N LEU A 413 12.67 15.05 22.16
CA LEU A 413 11.36 15.07 21.53
C LEU A 413 11.48 15.53 20.09
N ARG A 414 10.60 15.03 19.24
CA ARG A 414 10.52 15.47 17.85
C ARG A 414 9.20 16.22 17.67
N LEU A 415 9.29 17.49 17.29
CA LEU A 415 8.13 18.35 17.13
C LEU A 415 8.00 18.80 15.69
N GLY A 416 6.76 18.88 15.20
CA GLY A 416 6.52 19.26 13.83
C GLY A 416 5.46 20.33 13.64
N ALA A 417 5.75 21.29 12.75
CA ALA A 417 4.83 22.35 12.38
C ALA A 417 3.81 22.01 11.28
N PRO A 418 4.01 21.00 10.42
CA PRO A 418 3.06 20.81 9.32
C PRO A 418 1.61 20.63 9.75
N ALA A 419 1.35 19.82 10.77
CA ALA A 419 -0.02 19.43 11.09
C ALA A 419 -0.85 20.64 11.48
N LEU A 420 -0.45 21.33 12.55
CA LEU A 420 -1.27 22.44 13.06
C LEU A 420 -1.29 23.62 12.10
N THR A 421 -0.26 23.77 11.27
CA THR A 421 -0.27 24.84 10.27
C THR A 421 -1.39 24.64 9.26
N SER A 422 -1.74 23.38 8.97
CA SER A 422 -2.91 23.11 8.14
C SER A 422 -4.19 23.54 8.83
N ARG A 423 -4.21 23.51 10.16
CA ARG A 423 -5.31 24.03 10.95
C ARG A 423 -5.24 25.55 11.13
N GLN A 424 -4.51 26.23 10.24
CA GLN A 424 -4.38 27.70 10.26
C GLN A 424 -3.69 28.21 11.52
N PHE A 425 -2.84 27.39 12.13
CA PHE A 425 -1.99 27.89 13.21
C PHE A 425 -1.03 28.95 12.67
N ARG A 426 -0.59 29.83 13.57
CA ARG A 426 0.34 30.89 13.20
C ARG A 426 1.40 31.01 14.28
N GLU A 427 2.29 31.99 14.12
CA GLU A 427 3.45 32.10 15.00
C GLU A 427 3.03 32.25 16.45
N ASP A 428 2.08 33.14 16.73
CA ASP A 428 1.64 33.36 18.10
C ASP A 428 0.96 32.12 18.69
N ASP A 429 0.50 31.20 17.85
CA ASP A 429 -0.17 30.01 18.35
C ASP A 429 0.81 28.95 18.82
N PHE A 430 1.99 28.86 18.21
CA PHE A 430 2.96 27.86 18.60
C PHE A 430 3.69 28.24 19.88
N ARG A 431 3.92 29.54 20.11
CA ARG A 431 4.41 29.97 21.42
C ARG A 431 3.46 29.52 22.52
N ARG A 432 2.16 29.46 22.23
CA ARG A 432 1.19 28.91 23.16
C ARG A 432 1.32 27.38 23.23
N VAL A 433 1.55 26.74 22.09
CA VAL A 433 1.77 25.29 22.09
C VAL A 433 2.99 24.94 22.93
N VAL A 434 4.03 25.76 22.86
CA VAL A 434 5.20 25.55 23.70
C VAL A 434 4.85 25.78 25.16
N ASP A 435 4.01 26.78 25.44
CA ASP A 435 3.58 27.02 26.81
C ASP A 435 2.84 25.81 27.38
N PHE A 436 1.91 25.25 26.60
CA PHE A 436 1.22 24.04 27.03
C PHE A 436 2.20 22.88 27.20
N ILE A 437 3.22 22.81 26.34
CA ILE A 437 4.23 21.77 26.46
C ILE A 437 5.01 21.94 27.76
N ASP A 438 5.44 23.18 28.04
CA ASP A 438 6.28 23.42 29.22
C ASP A 438 5.55 23.07 30.50
N GLU A 439 4.25 23.42 30.57
CA GLU A 439 3.45 22.99 31.71
C GLU A 439 3.40 21.48 31.82
N GLY A 440 3.34 20.79 30.67
CA GLY A 440 3.40 19.33 30.69
C GLY A 440 4.76 18.82 31.11
N VAL A 441 5.83 19.53 30.74
CA VAL A 441 7.17 19.11 31.14
C VAL A 441 7.31 19.19 32.66
N ASN A 442 6.90 20.32 33.25
CA ASN A 442 7.02 20.51 34.69
C ASN A 442 6.15 19.55 35.49
N ILE A 443 5.27 18.78 34.85
CA ILE A 443 4.46 17.80 35.54
C ILE A 443 5.26 16.51 35.67
N GLY A 444 5.74 15.99 34.54
CA GLY A 444 6.62 14.82 34.58
C GLY A 444 7.87 15.08 35.40
N LEU A 445 8.34 16.32 35.41
CA LEU A 445 9.48 16.67 36.26
C LEU A 445 9.13 16.49 37.73
N GLU A 446 7.96 16.97 38.15
CA GLU A 446 7.50 16.75 39.52
C GLU A 446 7.26 15.26 39.77
N VAL A 447 6.72 14.56 38.77
CA VAL A 447 6.46 13.12 38.94
C VAL A 447 7.78 12.35 38.99
N LYS A 448 8.75 12.75 38.18
CA LYS A 448 10.05 12.07 38.20
C LYS A 448 10.72 12.20 39.56
N SER A 449 10.53 13.34 40.24
CA SER A 449 11.02 13.47 41.61
C SER A 449 10.30 12.51 42.55
N LYS A 450 9.06 12.13 42.20
CA LYS A 450 8.29 11.20 43.02
C LYS A 450 8.41 9.76 42.55
N THR A 451 8.72 9.53 41.28
CA THR A 451 8.77 8.18 40.72
C THR A 451 10.20 7.70 40.58
N ALA A 452 10.38 6.39 40.70
CA ALA A 452 11.68 5.77 40.56
C ALA A 452 11.90 5.27 39.14
N LYS A 453 11.29 4.14 38.80
CA LYS A 453 11.47 3.52 37.49
C LYS A 453 10.57 4.22 36.46
N LEU A 454 10.48 3.65 35.26
CA LEU A 454 9.63 4.20 34.20
C LEU A 454 8.25 3.55 34.20
N GLN A 455 8.18 2.22 34.33
CA GLN A 455 6.88 1.57 34.43
C GLN A 455 6.11 2.04 35.66
N ASP A 456 6.82 2.46 36.70
CA ASP A 456 6.16 3.10 37.84
C ASP A 456 5.65 4.49 37.46
N PHE A 457 6.42 5.20 36.63
CA PHE A 457 6.03 6.54 36.19
C PHE A 457 4.69 6.51 35.46
N LYS A 458 4.51 5.54 34.56
CA LYS A 458 3.28 5.46 33.79
C LYS A 458 2.12 4.89 34.59
N SER A 459 2.31 4.61 35.88
CA SER A 459 1.21 4.32 36.79
C SER A 459 0.91 5.47 37.73
N PHE A 460 1.93 6.24 38.14
CA PHE A 460 1.70 7.40 38.99
C PHE A 460 0.91 8.48 38.26
N LEU A 461 1.02 8.53 36.93
CA LEU A 461 0.23 9.46 36.15
C LEU A 461 -1.25 9.07 36.11
N LEU A 462 -1.57 7.80 36.32
CA LEU A 462 -2.92 7.30 36.18
C LEU A 462 -3.62 7.05 37.51
N LYS A 463 -2.87 6.88 38.61
CA LYS A 463 -3.44 6.55 39.91
C LYS A 463 -3.43 7.73 40.86
N ASP A 464 -2.27 8.35 41.10
CA ASP A 464 -2.16 9.49 42.00
C ASP A 464 -3.13 10.59 41.61
N SER A 465 -4.28 10.64 42.28
CA SER A 465 -5.36 11.55 41.92
C SER A 465 -5.00 13.02 42.09
N GLU A 466 -3.82 13.34 42.63
CA GLU A 466 -3.36 14.73 42.64
C GLU A 466 -2.72 15.11 41.31
N THR A 467 -1.93 14.19 40.74
CA THR A 467 -1.40 14.42 39.39
C THR A 467 -2.40 14.04 38.31
N SER A 468 -3.30 13.09 38.61
CA SER A 468 -4.40 12.80 37.69
C SER A 468 -5.25 14.04 37.46
N GLN A 469 -5.43 14.86 38.50
CA GLN A 469 -6.12 16.13 38.34
C GLN A 469 -5.31 17.09 37.46
N ARG A 470 -4.03 17.26 37.80
CA ARG A 470 -3.19 18.23 37.09
C ARG A 470 -3.17 17.96 35.58
N LEU A 471 -3.20 16.68 35.19
CA LEU A 471 -3.24 16.36 33.77
C LEU A 471 -4.61 16.66 33.16
N ALA A 472 -5.68 16.49 33.94
CA ALA A 472 -7.01 16.78 33.42
C ALA A 472 -7.20 18.26 33.15
N ASN A 473 -6.64 19.13 34.01
CA ASN A 473 -6.79 20.56 33.79
C ASN A 473 -5.94 21.04 32.62
N LEU A 474 -4.82 20.37 32.35
CA LEU A 474 -4.03 20.73 31.17
C LEU A 474 -4.63 20.14 29.91
N ARG A 475 -5.18 18.93 30.00
CA ARG A 475 -5.86 18.34 28.85
C ARG A 475 -7.04 19.20 28.41
N GLN A 476 -7.87 19.63 29.36
CA GLN A 476 -9.02 20.44 29.02
C GLN A 476 -8.59 21.78 28.41
N ARG A 477 -7.59 22.43 29.03
CA ARG A 477 -7.11 23.71 28.50
C ARG A 477 -6.57 23.56 27.09
N VAL A 478 -5.91 22.44 26.81
CA VAL A 478 -5.35 22.22 25.47
C VAL A 478 -6.47 21.98 24.47
N GLU A 479 -7.42 21.11 24.81
CA GLU A 479 -8.46 20.75 23.86
C GLU A 479 -9.35 21.95 23.50
N GLN A 480 -9.64 22.80 24.49
CA GLN A 480 -10.40 24.02 24.20
C GLN A 480 -9.65 24.92 23.24
N PHE A 481 -8.32 25.02 23.40
CA PHE A 481 -7.52 25.84 22.51
C PHE A 481 -7.50 25.27 21.09
N ALA A 482 -7.53 23.95 20.98
CA ALA A 482 -7.35 23.31 19.67
C ALA A 482 -8.65 23.28 18.88
N ARG A 483 -9.77 22.92 19.53
CA ARG A 483 -11.03 22.74 18.82
C ARG A 483 -11.43 23.98 18.03
N ALA A 484 -11.06 25.17 18.50
CA ALA A 484 -11.42 26.40 17.80
C ALA A 484 -10.75 26.52 16.43
N PHE A 485 -9.77 25.67 16.13
CA PHE A 485 -9.09 25.76 14.85
C PHE A 485 -9.75 24.84 13.82
N PRO A 486 -9.87 25.31 12.58
CA PRO A 486 -10.49 24.48 11.54
C PRO A 486 -9.68 23.22 11.26
N MET A 487 -10.35 22.21 10.72
CA MET A 487 -9.74 20.91 10.44
C MET A 487 -10.01 20.55 8.99
N PRO A 488 -8.97 20.40 8.15
CA PRO A 488 -9.19 19.98 6.77
C PRO A 488 -9.82 18.59 6.71
N GLY A 489 -10.76 18.42 5.80
CA GLY A 489 -11.42 17.16 5.58
C GLY A 489 -12.89 17.22 5.96
N PHE A 490 -13.50 16.04 5.98
CA PHE A 490 -14.91 15.92 6.34
C PHE A 490 -15.15 16.39 7.77
N ASP A 491 -16.40 16.74 8.07
CA ASP A 491 -16.74 17.26 9.39
C ASP A 491 -16.98 16.16 10.41
N GLU A 492 -17.57 15.04 9.97
CA GLU A 492 -18.03 13.99 10.88
C GLU A 492 -17.16 12.75 10.89
N HIS A 493 -16.32 12.54 9.88
CA HIS A 493 -15.48 11.36 9.81
C HIS A 493 -14.17 11.64 9.07
N TRP B 32 -7.85 29.22 2.83
CA TRP B 32 -7.95 27.79 2.57
C TRP B 32 -8.24 27.02 3.86
N THR B 33 -9.38 26.33 3.88
CA THR B 33 -9.79 25.58 5.05
C THR B 33 -9.56 24.08 4.92
N GLY B 34 -9.45 23.57 3.69
CA GLY B 34 -9.30 22.15 3.49
C GLY B 34 -10.59 21.36 3.48
N GLN B 35 -11.73 22.04 3.55
CA GLN B 35 -13.03 21.39 3.58
C GLN B 35 -13.83 21.61 2.30
N GLU B 36 -13.23 22.21 1.28
CA GLU B 36 -13.90 22.43 0.01
C GLU B 36 -14.24 21.09 -0.64
N SER B 37 -15.22 21.13 -1.54
CA SER B 37 -15.62 19.92 -2.25
C SER B 37 -14.58 19.57 -3.31
N LEU B 38 -14.60 18.31 -3.73
CA LEU B 38 -13.76 17.90 -4.85
C LEU B 38 -14.24 18.49 -6.16
N SER B 39 -15.51 18.88 -6.24
CA SER B 39 -16.05 19.48 -7.46
C SER B 39 -15.71 20.97 -7.52
N ASP B 40 -16.00 21.72 -6.46
CA ASP B 40 -15.73 23.15 -6.45
C ASP B 40 -14.24 23.48 -6.35
N SER B 41 -13.35 22.49 -6.40
CA SER B 41 -11.92 22.75 -6.28
C SER B 41 -11.15 22.16 -7.46
N ASP B 42 -11.19 20.84 -7.60
CA ASP B 42 -10.48 20.15 -8.68
C ASP B 42 -11.50 19.52 -9.62
N PRO B 43 -12.01 20.27 -10.61
CA PRO B 43 -13.00 19.68 -11.53
C PRO B 43 -12.38 18.73 -12.53
N GLU B 44 -11.13 18.95 -12.93
CA GLU B 44 -10.47 18.05 -13.87
C GLU B 44 -10.43 16.63 -13.34
N MET B 45 -10.23 16.48 -12.02
CA MET B 45 -10.29 15.15 -11.40
C MET B 45 -11.72 14.69 -11.18
N TRP B 46 -12.64 15.62 -10.90
CA TRP B 46 -14.01 15.23 -10.62
C TRP B 46 -14.68 14.63 -11.84
N GLU B 47 -14.50 15.25 -13.01
CA GLU B 47 -15.05 14.68 -14.23
C GLU B 47 -14.42 13.33 -14.53
N LEU B 48 -13.13 13.18 -14.24
CA LEU B 48 -12.47 11.89 -14.44
C LEU B 48 -13.03 10.84 -13.49
N LEU B 49 -13.38 11.24 -12.26
CA LEU B 49 -13.98 10.30 -11.32
C LEU B 49 -15.33 9.81 -11.82
N GLN B 50 -16.19 10.74 -12.28
CA GLN B 50 -17.51 10.35 -12.75
C GLN B 50 -17.42 9.53 -14.03
N ARG B 51 -16.44 9.80 -14.89
CA ARG B 51 -16.29 9.02 -16.11
C ARG B 51 -15.95 7.57 -15.79
N GLU B 52 -15.07 7.35 -14.80
CA GLU B 52 -14.77 5.98 -14.37
C GLU B 52 -16.00 5.36 -13.71
N LYS B 53 -16.77 6.15 -12.97
CA LYS B 53 -18.03 5.65 -12.42
C LYS B 53 -19.01 5.29 -13.53
N ASP B 54 -19.18 6.20 -14.49
CA ASP B 54 -20.02 5.91 -15.65
C ASP B 54 -19.48 4.70 -16.42
N ARG B 55 -18.16 4.61 -16.56
CA ARG B 55 -17.56 3.46 -17.24
C ARG B 55 -17.79 2.17 -16.45
N GLN B 56 -17.73 2.25 -15.11
CA GLN B 56 -18.02 1.08 -14.30
C GLN B 56 -19.48 0.67 -14.44
N CYS B 57 -20.39 1.64 -14.48
CA CYS B 57 -21.82 1.34 -14.51
C CYS B 57 -22.28 0.89 -15.89
N ARG B 58 -21.77 1.52 -16.95
CA ARG B 58 -22.22 1.23 -18.31
C ARG B 58 -21.64 -0.06 -18.87
N GLY B 59 -20.82 -0.78 -18.11
CA GLY B 59 -20.08 -1.90 -18.65
C GLY B 59 -20.30 -3.18 -17.87
N LEU B 60 -20.01 -4.28 -18.55
CA LEU B 60 -20.05 -5.62 -17.96
C LEU B 60 -18.64 -5.98 -17.53
N GLU B 61 -18.38 -5.89 -16.23
CA GLU B 61 -17.06 -6.17 -15.68
C GLU B 61 -16.93 -7.67 -15.42
N LEU B 62 -16.00 -8.31 -16.14
CA LEU B 62 -15.78 -9.74 -16.01
C LEU B 62 -14.36 -10.09 -15.57
N ILE B 63 -13.60 -9.12 -15.07
CA ILE B 63 -12.32 -9.42 -14.44
C ILE B 63 -12.58 -10.22 -13.17
N ALA B 64 -12.01 -11.42 -13.09
CA ALA B 64 -12.28 -12.29 -11.95
C ALA B 64 -11.79 -11.69 -10.64
N SER B 65 -10.75 -10.87 -10.69
CA SER B 65 -10.19 -10.25 -9.49
C SER B 65 -10.82 -8.89 -9.18
N GLU B 66 -11.68 -8.38 -10.04
CA GLU B 66 -12.37 -7.12 -9.77
C GLU B 66 -13.69 -7.37 -9.06
N ASN B 67 -14.21 -6.31 -8.46
CA ASN B 67 -15.46 -6.31 -7.71
C ASN B 67 -15.75 -4.86 -7.30
N PHE B 68 -17.02 -4.58 -7.04
CA PHE B 68 -17.46 -3.25 -6.67
C PHE B 68 -17.62 -3.15 -5.16
N CYS B 69 -17.10 -2.09 -4.56
CA CYS B 69 -17.03 -1.94 -3.12
C CYS B 69 -18.28 -1.24 -2.58
N SER B 70 -18.61 -1.55 -1.33
CA SER B 70 -19.77 -0.96 -0.67
C SER B 70 -19.44 0.45 -0.19
N ARG B 71 -20.43 1.33 -0.27
CA ARG B 71 -20.23 2.71 0.17
C ARG B 71 -19.82 2.77 1.64
N ALA B 72 -20.34 1.86 2.46
CA ALA B 72 -19.96 1.82 3.87
C ALA B 72 -18.45 1.65 4.05
N ALA B 73 -17.81 0.90 3.16
CA ALA B 73 -16.36 0.74 3.23
C ALA B 73 -15.64 1.95 2.64
N LEU B 74 -16.10 2.43 1.48
CA LEU B 74 -15.47 3.59 0.84
C LEU B 74 -15.53 4.83 1.74
N GLU B 75 -16.54 4.90 2.61
CA GLU B 75 -16.63 6.04 3.51
C GLU B 75 -15.49 6.04 4.53
N ALA B 76 -15.16 4.87 5.06
CA ALA B 76 -14.02 4.77 5.97
C ALA B 76 -12.69 4.85 5.23
N LEU B 77 -12.68 4.53 3.95
CA LEU B 77 -11.45 4.64 3.16
C LEU B 77 -11.03 6.10 3.01
N GLY B 78 -11.98 6.97 2.70
CA GLY B 78 -11.70 8.40 2.61
C GLY B 78 -12.05 9.12 3.90
N SER B 79 -11.48 8.67 5.01
CA SER B 79 -11.80 9.19 6.33
C SER B 79 -10.58 9.92 6.90
N CYS B 80 -10.77 10.46 8.10
CA CYS B 80 -9.67 11.12 8.81
C CYS B 80 -8.59 10.12 9.22
N LEU B 81 -8.88 8.82 9.16
CA LEU B 81 -7.90 7.81 9.53
C LEU B 81 -6.69 7.82 8.60
N ASN B 82 -6.78 8.47 7.45
CA ASN B 82 -5.62 8.67 6.59
C ASN B 82 -4.59 9.58 7.23
N ASN B 83 -5.01 10.45 8.16
CA ASN B 83 -4.12 11.42 8.78
C ASN B 83 -3.46 10.90 10.05
N LYS B 84 -3.35 9.58 10.22
CA LYS B 84 -2.89 8.99 11.47
C LYS B 84 -1.70 8.07 11.20
N TYR B 85 -0.59 8.33 11.88
CA TYR B 85 0.57 7.44 11.86
C TYR B 85 0.50 6.54 13.08
N SER B 86 0.43 5.24 12.83
CA SER B 86 0.29 4.23 13.88
C SER B 86 1.27 3.08 13.63
N GLU B 87 2.53 3.42 13.42
CA GLU B 87 3.54 2.40 13.16
C GLU B 87 3.73 1.51 14.37
N GLY B 88 3.64 0.21 14.13
CA GLY B 88 3.67 -0.77 15.21
C GLY B 88 2.40 -1.58 15.24
N TYR B 89 2.04 -2.10 16.41
CA TYR B 89 0.85 -2.91 16.59
C TYR B 89 0.17 -2.49 17.88
N PRO B 90 -1.13 -2.77 18.01
CA PRO B 90 -1.87 -2.33 19.20
C PRO B 90 -1.18 -2.74 20.50
N GLY B 91 -1.13 -1.79 21.43
CA GLY B 91 -0.43 -1.98 22.68
C GLY B 91 1.08 -1.84 22.59
N LYS B 92 1.64 -1.77 21.39
CA LYS B 92 3.08 -1.70 21.18
C LYS B 92 3.41 -0.70 20.08
N ARG B 93 2.74 0.44 20.08
CA ARG B 93 3.10 1.51 19.15
C ARG B 93 4.37 2.20 19.63
N TYR B 94 5.00 2.93 18.71
CA TYR B 94 6.16 3.76 19.03
C TYR B 94 5.78 5.24 19.05
N TYR B 95 4.50 5.55 19.13
CA TYR B 95 3.99 6.90 19.25
C TYR B 95 3.08 7.05 20.45
N GLY B 96 2.16 8.01 20.35
CA GLY B 96 1.03 8.09 21.25
C GLY B 96 -0.22 8.48 20.46
N GLY B 97 -1.34 8.54 21.17
CA GLY B 97 -2.59 8.89 20.53
C GLY B 97 -3.10 7.85 19.55
N ALA B 98 -2.52 6.65 19.55
CA ALA B 98 -3.05 5.53 18.77
C ALA B 98 -4.20 4.83 19.46
N GLU B 99 -4.83 5.51 20.42
CA GLU B 99 -5.84 4.88 21.26
C GLU B 99 -7.06 4.44 20.46
N VAL B 100 -7.43 5.17 19.42
CA VAL B 100 -8.61 4.83 18.63
C VAL B 100 -8.27 3.85 17.52
N VAL B 101 -7.11 4.00 16.89
CA VAL B 101 -6.74 3.06 15.83
C VAL B 101 -6.39 1.70 16.42
N ASP B 102 -5.97 1.65 17.68
CA ASP B 102 -5.74 0.37 18.34
C ASP B 102 -7.03 -0.42 18.48
N GLU B 103 -8.17 0.27 18.57
CA GLU B 103 -9.46 -0.40 18.64
C GLU B 103 -10.00 -0.77 17.27
N ILE B 104 -9.44 -0.20 16.19
CA ILE B 104 -9.85 -0.57 14.85
C ILE B 104 -9.06 -1.77 14.34
N GLU B 105 -7.74 -1.80 14.62
CA GLU B 105 -6.96 -2.98 14.30
C GLU B 105 -7.42 -4.19 15.10
N LEU B 106 -7.55 -4.04 16.41
CA LEU B 106 -8.03 -5.14 17.25
C LEU B 106 -9.43 -5.57 16.89
N LEU B 107 -10.22 -4.70 16.24
CA LEU B 107 -11.52 -5.09 15.73
C LEU B 107 -11.42 -5.71 14.35
N CYS B 108 -10.61 -5.12 13.46
CA CYS B 108 -10.34 -5.75 12.17
C CYS B 108 -9.72 -7.13 12.37
N GLN B 109 -8.86 -7.29 13.38
CA GLN B 109 -8.32 -8.61 13.69
C GLN B 109 -9.42 -9.55 14.16
N ARG B 110 -10.32 -9.06 15.01
CA ARG B 110 -11.42 -9.91 15.48
C ARG B 110 -12.39 -10.24 14.36
N ARG B 111 -12.73 -9.25 13.53
CA ARG B 111 -13.65 -9.50 12.42
C ARG B 111 -13.04 -10.40 11.37
N ALA B 112 -11.71 -10.33 11.18
CA ALA B 112 -11.06 -11.22 10.23
C ALA B 112 -11.18 -12.67 10.66
N LEU B 113 -10.81 -12.97 11.91
CA LEU B 113 -10.95 -14.33 12.41
C LEU B 113 -12.42 -14.73 12.50
N GLU B 114 -13.31 -13.77 12.70
CA GLU B 114 -14.74 -14.05 12.71
C GLU B 114 -15.21 -14.55 11.34
N ALA B 115 -14.84 -13.83 10.28
CA ALA B 115 -15.35 -14.14 8.95
C ALA B 115 -14.96 -15.52 8.46
N PHE B 116 -13.90 -16.12 9.03
CA PHE B 116 -13.44 -17.42 8.60
C PHE B 116 -13.54 -18.48 9.69
N ASP B 117 -14.25 -18.17 10.79
CA ASP B 117 -14.51 -19.12 11.86
C ASP B 117 -13.20 -19.70 12.40
N LEU B 118 -12.41 -18.83 13.01
CA LEU B 118 -11.08 -19.17 13.50
C LEU B 118 -10.99 -18.83 14.98
N ASP B 119 -10.66 -19.83 15.79
CA ASP B 119 -10.47 -19.64 17.22
C ASP B 119 -9.30 -18.69 17.46
N PRO B 120 -9.50 -17.56 18.14
CA PRO B 120 -8.39 -16.63 18.38
C PRO B 120 -7.27 -17.20 19.24
N ALA B 121 -7.37 -18.48 19.60
CA ALA B 121 -6.27 -19.19 20.27
C ALA B 121 -5.44 -20.02 19.31
N GLN B 122 -5.93 -20.29 18.11
CA GLN B 122 -5.19 -21.03 17.09
C GLN B 122 -4.79 -20.16 15.91
N TRP B 123 -5.30 -18.94 15.80
CA TRP B 123 -5.07 -18.12 14.62
C TRP B 123 -4.91 -16.66 15.00
N GLY B 124 -4.00 -15.99 14.29
CA GLY B 124 -3.90 -14.55 14.31
C GLY B 124 -4.01 -14.01 12.89
N VAL B 125 -3.93 -12.69 12.79
CA VAL B 125 -3.98 -12.02 11.49
C VAL B 125 -3.18 -10.74 11.56
N ASN B 126 -2.56 -10.38 10.44
CA ASN B 126 -1.90 -9.10 10.26
C ASN B 126 -2.71 -8.32 9.25
N VAL B 127 -3.36 -7.24 9.71
CA VAL B 127 -4.25 -6.46 8.86
C VAL B 127 -3.55 -5.29 8.20
N GLN B 128 -2.25 -5.14 8.42
CA GLN B 128 -1.45 -4.02 7.91
C GLN B 128 -0.90 -4.18 6.49
N PRO B 129 -0.82 -5.39 5.90
CA PRO B 129 -0.38 -5.47 4.50
C PRO B 129 -1.10 -4.51 3.58
N TYR B 130 -0.32 -3.77 2.79
CA TYR B 130 -0.88 -2.73 1.93
C TYR B 130 -1.77 -3.33 0.84
N SER B 131 -1.41 -4.50 0.32
CA SER B 131 -2.18 -5.13 -0.75
C SER B 131 -1.86 -6.62 -0.75
N GLY B 132 -2.21 -7.29 -1.85
CA GLY B 132 -1.98 -8.73 -1.93
C GLY B 132 -0.51 -9.08 -2.08
N SER B 133 0.17 -8.41 -3.02
CA SER B 133 1.60 -8.66 -3.21
C SER B 133 2.44 -8.33 -1.97
N PRO B 134 2.27 -7.17 -1.32
CA PRO B 134 3.06 -6.93 -0.10
C PRO B 134 2.77 -7.91 1.01
N ALA B 135 1.58 -8.51 1.03
CA ALA B 135 1.27 -9.51 2.04
C ALA B 135 2.15 -10.74 1.89
N ASN B 136 2.22 -11.27 0.66
CA ASN B 136 3.03 -12.45 0.42
C ASN B 136 4.51 -12.19 0.67
N LEU B 137 5.02 -11.06 0.15
CA LEU B 137 6.43 -10.72 0.33
C LEU B 137 6.81 -10.66 1.81
N ALA B 138 5.85 -10.31 2.67
CA ALA B 138 6.12 -10.28 4.11
C ALA B 138 6.25 -11.68 4.68
N VAL B 139 5.48 -12.64 4.16
CA VAL B 139 5.51 -13.99 4.70
C VAL B 139 6.85 -14.66 4.40
N TYR B 140 7.32 -14.53 3.15
CA TYR B 140 8.64 -15.03 2.81
C TYR B 140 9.70 -14.37 3.69
N THR B 141 9.66 -13.04 3.78
CA THR B 141 10.61 -12.30 4.61
C THR B 141 10.53 -12.74 6.06
N ALA B 142 9.35 -13.10 6.53
CA ALA B 142 9.20 -13.53 7.91
C ALA B 142 9.79 -14.91 8.14
N LEU B 143 9.31 -15.90 7.40
CA LEU B 143 9.69 -17.28 7.65
C LEU B 143 11.04 -17.62 7.03
N LEU B 144 11.23 -17.27 5.77
CA LEU B 144 12.39 -17.71 5.02
C LEU B 144 13.58 -16.77 5.21
N GLN B 145 14.72 -17.20 4.71
CA GLN B 145 15.99 -16.52 4.52
C GLN B 145 16.15 -16.15 3.05
N PRO B 146 16.91 -15.09 2.74
CA PRO B 146 17.14 -14.75 1.33
C PRO B 146 17.73 -15.94 0.57
N HIS B 147 17.17 -16.17 -0.62
CA HIS B 147 17.54 -17.26 -1.53
C HIS B 147 17.11 -18.63 -1.02
N ASP B 148 16.31 -18.69 0.04
CA ASP B 148 15.66 -19.96 0.37
C ASP B 148 14.64 -20.31 -0.71
N ARG B 149 14.26 -21.58 -0.74
CA ARG B 149 13.59 -22.16 -1.88
C ARG B 149 12.08 -22.05 -1.77
N ILE B 150 11.43 -21.76 -2.90
CA ILE B 150 9.98 -21.53 -2.96
C ILE B 150 9.43 -22.24 -4.18
N MET B 151 8.29 -22.91 -4.02
CA MET B 151 7.54 -23.50 -5.12
C MET B 151 6.16 -22.88 -5.19
N GLY B 152 5.80 -22.37 -6.37
CA GLY B 152 4.48 -21.81 -6.58
C GLY B 152 4.03 -22.09 -8.00
N LEU B 153 2.71 -22.25 -8.16
CA LEU B 153 2.14 -22.56 -9.47
C LEU B 153 2.62 -21.57 -10.52
N ASP B 154 3.06 -22.11 -11.65
CA ASP B 154 3.60 -21.28 -12.73
C ASP B 154 2.56 -20.26 -13.19
N LEU B 155 3.04 -19.08 -13.60
CA LEU B 155 2.14 -17.98 -13.94
C LEU B 155 1.24 -18.30 -15.13
N PRO B 156 1.75 -18.69 -16.30
CA PRO B 156 0.83 -19.03 -17.40
C PRO B 156 -0.02 -20.25 -17.09
N ASP B 157 0.31 -21.02 -16.06
CA ASP B 157 -0.55 -22.12 -15.62
C ASP B 157 -1.52 -21.63 -14.56
N GLY B 158 -1.92 -20.36 -14.67
CA GLY B 158 -2.93 -19.81 -13.78
C GLY B 158 -2.44 -19.38 -12.43
N GLY B 159 -1.17 -18.97 -12.32
CA GLY B 159 -0.62 -18.49 -11.07
C GLY B 159 -0.45 -16.99 -11.07
N HIS B 160 -0.04 -16.47 -9.91
CA HIS B 160 0.31 -15.07 -9.76
C HIS B 160 1.82 -14.95 -9.64
N LEU B 161 2.35 -13.80 -10.08
CA LEU B 161 3.80 -13.63 -10.08
C LEU B 161 4.37 -13.57 -8.67
N THR B 162 3.56 -13.16 -7.69
CA THR B 162 4.02 -13.15 -6.30
C THR B 162 4.31 -14.55 -5.77
N HIS B 163 4.04 -15.59 -6.55
CA HIS B 163 4.46 -16.95 -6.22
C HIS B 163 5.85 -17.27 -6.74
N GLY B 164 6.54 -16.29 -7.33
CA GLY B 164 7.82 -16.53 -7.96
C GLY B 164 7.67 -16.82 -9.43
N TYR B 165 8.13 -15.89 -10.28
CA TYR B 165 8.03 -16.04 -11.73
C TYR B 165 9.35 -15.62 -12.36
N MET B 166 10.12 -16.61 -12.84
CA MET B 166 11.30 -16.36 -13.64
C MET B 166 10.93 -16.60 -15.11
N SER B 167 11.35 -15.69 -15.98
CA SER B 167 10.93 -15.69 -17.37
C SER B 167 11.97 -16.31 -18.30
N ASP B 168 12.76 -17.26 -17.80
CA ASP B 168 13.81 -17.95 -18.55
C ASP B 168 14.84 -17.00 -19.14
N VAL B 169 14.81 -15.72 -18.77
CA VAL B 169 15.77 -14.72 -19.21
C VAL B 169 16.14 -13.86 -18.02
N LYS B 170 15.13 -13.23 -17.42
CA LYS B 170 15.30 -12.35 -16.26
C LYS B 170 14.33 -12.76 -15.17
N ARG B 171 14.67 -12.39 -13.94
CA ARG B 171 13.81 -12.62 -12.79
C ARG B 171 12.74 -11.53 -12.75
N ILE B 172 11.50 -11.92 -12.99
CA ILE B 172 10.39 -10.96 -13.06
C ILE B 172 10.02 -10.50 -11.67
N SER B 173 9.37 -11.37 -10.90
CA SER B 173 8.89 -10.99 -9.59
C SER B 173 10.04 -10.89 -8.59
N ALA B 174 9.92 -9.94 -7.65
CA ALA B 174 10.88 -9.86 -6.57
C ALA B 174 10.88 -11.11 -5.71
N THR B 175 9.81 -11.90 -5.76
CA THR B 175 9.83 -13.22 -5.13
C THR B 175 10.93 -14.08 -5.73
N SER B 176 11.13 -13.99 -7.06
CA SER B 176 12.17 -14.75 -7.72
C SER B 176 13.56 -14.15 -7.54
N ILE B 177 13.64 -12.86 -7.23
CA ILE B 177 14.95 -12.22 -7.06
C ILE B 177 15.52 -12.53 -5.68
N PHE B 178 14.75 -12.24 -4.63
CA PHE B 178 15.23 -12.39 -3.27
C PHE B 178 15.13 -13.82 -2.76
N PHE B 179 14.38 -14.69 -3.45
CA PHE B 179 14.32 -16.10 -3.11
C PHE B 179 14.34 -16.90 -4.42
N GLU B 180 14.90 -18.11 -4.34
CA GLU B 180 14.97 -18.97 -5.51
C GLU B 180 13.66 -19.72 -5.67
N SER B 181 12.99 -19.52 -6.80
CA SER B 181 11.66 -20.06 -7.04
C SER B 181 11.70 -21.06 -8.19
N MET B 182 11.07 -22.21 -7.98
CA MET B 182 10.84 -23.17 -9.05
C MET B 182 9.34 -23.45 -9.12
N PRO B 183 8.71 -23.28 -10.28
CA PRO B 183 7.27 -23.47 -10.37
C PRO B 183 6.88 -24.93 -10.51
N TYR B 184 5.65 -25.23 -10.07
CA TYR B 184 5.00 -26.48 -10.40
C TYR B 184 3.87 -26.21 -11.37
N LYS B 185 3.65 -27.14 -12.29
CA LYS B 185 2.86 -26.90 -13.49
C LYS B 185 1.55 -27.67 -13.45
N LEU B 186 0.72 -27.39 -14.46
CA LEU B 186 -0.54 -28.09 -14.65
C LEU B 186 -0.32 -29.33 -15.50
N ASN B 187 -1.20 -30.31 -15.34
CA ASN B 187 -1.28 -31.40 -16.29
C ASN B 187 -1.95 -30.87 -17.54
N PRO B 188 -1.25 -30.70 -18.67
CA PRO B 188 -1.87 -30.06 -19.83
C PRO B 188 -3.02 -30.85 -20.44
N LYS B 189 -3.22 -32.10 -20.03
CA LYS B 189 -4.37 -32.88 -20.48
C LYS B 189 -5.59 -32.64 -19.59
N THR B 190 -5.45 -32.92 -18.29
CA THR B 190 -6.56 -32.72 -17.37
C THR B 190 -6.87 -31.24 -17.19
N GLY B 191 -5.88 -30.36 -17.32
CA GLY B 191 -6.10 -28.95 -17.17
C GLY B 191 -6.08 -28.43 -15.74
N LEU B 192 -5.79 -29.28 -14.77
CA LEU B 192 -5.73 -28.86 -13.37
C LEU B 192 -4.36 -29.17 -12.79
N ILE B 193 -4.23 -28.99 -11.47
CA ILE B 193 -2.93 -29.07 -10.82
C ILE B 193 -2.42 -30.51 -10.83
N ASP B 194 -1.19 -30.68 -11.32
CA ASP B 194 -0.52 -31.98 -11.28
C ASP B 194 0.03 -32.17 -9.88
N TYR B 195 -0.81 -32.73 -9.00
CA TYR B 195 -0.44 -32.93 -7.60
C TYR B 195 0.66 -33.97 -7.44
N ASN B 196 1.04 -34.67 -8.51
CA ASN B 196 2.05 -35.72 -8.44
C ASN B 196 3.42 -35.25 -8.92
N GLN B 197 3.47 -34.57 -10.06
CA GLN B 197 4.73 -33.97 -10.49
C GLN B 197 5.22 -32.93 -9.49
N LEU B 198 4.30 -32.22 -8.84
CA LEU B 198 4.66 -31.39 -7.71
C LEU B 198 5.14 -32.24 -6.54
N ALA B 199 4.42 -33.33 -6.25
CA ALA B 199 4.85 -34.28 -5.22
C ALA B 199 6.17 -34.96 -5.58
N LEU B 200 6.63 -34.81 -6.82
CA LEU B 200 7.91 -35.33 -7.27
C LEU B 200 9.02 -34.29 -7.12
N THR B 201 8.77 -33.06 -7.57
CA THR B 201 9.80 -32.03 -7.57
C THR B 201 10.14 -31.60 -6.15
N ALA B 202 9.16 -31.59 -5.24
CA ALA B 202 9.40 -31.12 -3.89
C ALA B 202 10.48 -31.94 -3.18
N ARG B 203 10.59 -33.23 -3.51
CA ARG B 203 11.61 -34.05 -2.90
C ARG B 203 12.99 -33.75 -3.46
N LEU B 204 13.08 -33.37 -4.73
CA LEU B 204 14.36 -33.00 -5.32
C LEU B 204 14.74 -31.57 -4.96
N PHE B 205 13.77 -30.65 -5.04
CA PHE B 205 14.02 -29.23 -4.85
C PHE B 205 14.15 -28.84 -3.38
N ARG B 206 13.59 -29.65 -2.47
CA ARG B 206 13.56 -29.40 -1.04
C ARG B 206 13.22 -27.95 -0.72
N PRO B 207 12.03 -27.47 -1.09
CA PRO B 207 11.64 -26.11 -0.76
C PRO B 207 11.24 -25.99 0.70
N ARG B 208 11.21 -24.75 1.18
CA ARG B 208 10.75 -24.45 2.52
C ARG B 208 9.36 -23.82 2.52
N LEU B 209 8.74 -23.66 1.36
CA LEU B 209 7.43 -23.03 1.27
C LEU B 209 6.77 -23.33 -0.07
N ILE B 210 5.54 -23.85 -0.05
CA ILE B 210 4.76 -24.10 -1.25
C ILE B 210 3.47 -23.31 -1.16
N ILE B 211 3.12 -22.61 -2.23
CA ILE B 211 2.01 -21.65 -2.22
C ILE B 211 0.86 -22.25 -2.99
N ALA B 212 -0.19 -22.65 -2.27
CA ALA B 212 -1.40 -23.19 -2.86
C ALA B 212 -2.39 -22.05 -3.04
N GLY B 213 -2.23 -21.32 -4.16
CA GLY B 213 -3.12 -20.21 -4.47
C GLY B 213 -3.07 -19.92 -5.95
N THR B 214 -4.16 -19.35 -6.48
CA THR B 214 -4.31 -19.18 -7.91
C THR B 214 -4.75 -17.76 -8.25
N SER B 215 -4.64 -17.43 -9.54
CA SER B 215 -5.19 -16.21 -10.10
C SER B 215 -5.94 -16.46 -11.39
N ALA B 216 -5.91 -17.69 -11.91
CA ALA B 216 -6.61 -18.05 -13.14
C ALA B 216 -6.79 -19.57 -13.21
N TYR B 217 -7.52 -20.13 -12.26
CA TYR B 217 -7.70 -21.58 -12.15
C TYR B 217 -9.11 -21.83 -11.64
N ALA B 218 -9.89 -22.60 -12.41
CA ALA B 218 -11.33 -22.68 -12.21
C ALA B 218 -11.77 -23.87 -11.35
N ARG B 219 -10.84 -24.60 -10.75
CA ARG B 219 -11.18 -25.72 -9.89
C ARG B 219 -10.83 -25.38 -8.45
N LEU B 220 -11.18 -26.29 -7.55
CA LEU B 220 -10.75 -26.19 -6.17
C LEU B 220 -9.32 -26.69 -6.04
N ILE B 221 -8.77 -26.61 -4.84
CA ILE B 221 -7.41 -27.03 -4.57
C ILE B 221 -7.42 -27.95 -3.36
N ASP B 222 -6.72 -29.07 -3.46
CA ASP B 222 -6.63 -30.04 -2.37
C ASP B 222 -5.62 -29.50 -1.36
N TYR B 223 -6.09 -28.67 -0.44
CA TYR B 223 -5.23 -28.15 0.62
C TYR B 223 -5.00 -29.21 1.69
N ALA B 224 -4.70 -30.43 1.26
CA ALA B 224 -4.41 -31.53 2.17
C ALA B 224 -3.36 -32.42 1.53
N ARG B 225 -3.41 -32.54 0.20
CA ARG B 225 -2.30 -33.16 -0.52
C ARG B 225 -1.09 -32.24 -0.52
N MET B 226 -1.34 -30.93 -0.66
CA MET B 226 -0.28 -29.94 -0.46
C MET B 226 0.34 -30.10 0.92
N ARG B 227 -0.49 -30.17 1.96
CA ARG B 227 0.01 -30.34 3.32
C ARG B 227 0.74 -31.66 3.49
N GLU B 228 0.33 -32.70 2.75
CA GLU B 228 1.09 -33.94 2.75
C GLU B 228 2.45 -33.74 2.10
N VAL B 229 2.50 -33.03 0.97
CA VAL B 229 3.77 -32.73 0.32
C VAL B 229 4.62 -31.84 1.21
N CYS B 230 3.99 -30.88 1.89
CA CYS B 230 4.75 -29.97 2.75
C CYS B 230 5.28 -30.67 3.98
N ASP B 231 4.47 -31.52 4.62
CA ASP B 231 4.96 -32.29 5.75
C ASP B 231 6.03 -33.29 5.34
N GLU B 232 6.01 -33.72 4.08
CA GLU B 232 6.97 -34.70 3.59
C GLU B 232 8.34 -34.08 3.39
N VAL B 233 8.40 -32.95 2.70
CA VAL B 233 9.66 -32.25 2.45
C VAL B 233 9.95 -31.18 3.51
N LYS B 234 9.26 -31.24 4.65
CA LYS B 234 9.51 -30.34 5.77
C LYS B 234 9.37 -28.87 5.36
N ALA B 235 8.42 -28.62 4.46
CA ALA B 235 8.18 -27.28 3.95
C ALA B 235 7.02 -26.63 4.69
N HIS B 236 6.67 -25.42 4.27
CA HIS B 236 5.51 -24.70 4.78
C HIS B 236 4.45 -24.63 3.70
N LEU B 237 3.18 -24.73 4.11
CA LEU B 237 2.06 -24.62 3.20
C LEU B 237 1.45 -23.23 3.35
N LEU B 238 1.66 -22.38 2.34
CA LEU B 238 1.09 -21.04 2.31
C LEU B 238 -0.16 -21.06 1.44
N ALA B 239 -1.28 -20.64 2.01
CA ALA B 239 -2.54 -20.57 1.29
C ALA B 239 -2.76 -19.13 0.83
N ASP B 240 -2.69 -18.90 -0.47
CA ASP B 240 -2.99 -17.59 -1.04
C ASP B 240 -4.42 -17.60 -1.57
N MET B 241 -5.37 -17.56 -0.63
CA MET B 241 -6.78 -17.71 -0.94
C MET B 241 -7.41 -16.43 -1.50
N ALA B 242 -6.61 -15.51 -2.01
CA ALA B 242 -7.17 -14.44 -2.81
C ALA B 242 -7.91 -15.03 -4.01
N HIS B 243 -8.76 -14.21 -4.63
CA HIS B 243 -9.70 -14.63 -5.66
C HIS B 243 -10.85 -15.44 -5.07
N ILE B 244 -10.57 -16.28 -4.07
CA ILE B 244 -11.58 -17.08 -3.41
C ILE B 244 -11.74 -16.67 -1.94
N SER B 245 -11.39 -15.43 -1.61
CA SER B 245 -11.43 -14.98 -0.22
C SER B 245 -12.84 -15.07 0.35
N GLY B 246 -13.82 -14.56 -0.37
CA GLY B 246 -15.18 -14.56 0.15
C GLY B 246 -15.83 -15.93 0.14
N LEU B 247 -15.54 -16.74 -0.88
CA LEU B 247 -16.11 -18.07 -0.96
C LEU B 247 -15.69 -18.94 0.23
N VAL B 248 -14.51 -18.69 0.78
CA VAL B 248 -14.08 -19.39 1.98
C VAL B 248 -14.81 -18.84 3.21
N ALA B 249 -15.03 -17.52 3.24
CA ALA B 249 -15.70 -16.92 4.39
C ALA B 249 -17.17 -17.30 4.45
N ALA B 250 -17.82 -17.44 3.30
CA ALA B 250 -19.23 -17.81 3.24
C ALA B 250 -19.46 -19.31 3.34
N LYS B 251 -18.41 -20.08 3.61
CA LYS B 251 -18.49 -21.53 3.84
C LYS B 251 -19.03 -22.29 2.63
N VAL B 252 -18.94 -21.72 1.43
CA VAL B 252 -19.46 -22.39 0.25
C VAL B 252 -18.42 -23.31 -0.41
N ILE B 253 -17.14 -23.06 -0.20
CA ILE B 253 -16.09 -23.96 -0.68
C ILE B 253 -15.15 -24.27 0.48
N PRO B 254 -14.43 -25.38 0.40
CA PRO B 254 -13.55 -25.78 1.51
C PRO B 254 -12.55 -24.69 1.88
N SER B 255 -12.21 -24.64 3.16
CA SER B 255 -11.37 -23.59 3.71
C SER B 255 -9.94 -24.10 3.87
N PRO B 256 -8.94 -23.41 3.31
CA PRO B 256 -7.56 -23.91 3.44
C PRO B 256 -7.04 -23.89 4.87
N PHE B 257 -7.68 -23.15 5.78
CA PHE B 257 -7.28 -23.11 7.18
C PHE B 257 -7.31 -24.49 7.86
N LYS B 258 -7.95 -25.48 7.23
CA LYS B 258 -8.04 -26.80 7.85
C LYS B 258 -6.68 -27.50 7.91
N HIS B 259 -5.84 -27.33 6.87
CA HIS B 259 -4.54 -27.98 6.84
C HIS B 259 -3.40 -27.05 6.47
N ALA B 260 -3.66 -25.79 6.16
CA ALA B 260 -2.59 -24.83 5.98
C ALA B 260 -2.24 -24.19 7.31
N ASP B 261 -1.01 -23.68 7.41
CA ASP B 261 -0.56 -23.00 8.61
C ASP B 261 -0.42 -21.50 8.45
N ILE B 262 -0.16 -21.02 7.24
CA ILE B 262 -0.13 -19.59 6.95
C ILE B 262 -1.03 -19.34 5.75
N VAL B 263 -1.97 -18.41 5.89
CA VAL B 263 -2.93 -18.10 4.85
C VAL B 263 -2.89 -16.60 4.59
N THR B 264 -2.57 -16.23 3.35
CA THR B 264 -2.62 -14.83 2.93
C THR B 264 -3.76 -14.64 1.94
N THR B 265 -4.20 -13.39 1.84
CA THR B 265 -5.27 -13.03 0.92
C THR B 265 -5.30 -11.52 0.80
N THR B 266 -5.95 -11.05 -0.26
CA THR B 266 -6.29 -9.65 -0.39
C THR B 266 -7.65 -9.41 0.26
N THR B 267 -8.11 -8.16 0.23
CA THR B 267 -9.42 -7.82 0.74
C THR B 267 -10.42 -7.45 -0.34
N HIS B 268 -9.96 -7.15 -1.55
CA HIS B 268 -10.87 -6.99 -2.68
C HIS B 268 -11.19 -8.36 -3.28
N LYS B 269 -11.21 -8.42 -4.61
CA LYS B 269 -11.52 -9.65 -5.35
C LYS B 269 -12.88 -10.16 -4.98
N THR B 270 -12.97 -11.06 -3.99
CA THR B 270 -14.30 -11.56 -3.58
C THR B 270 -14.83 -10.92 -2.31
N LEU B 271 -13.95 -10.71 -1.33
CA LEU B 271 -14.39 -10.15 -0.04
C LEU B 271 -15.03 -8.79 -0.19
N ARG B 272 -14.95 -8.18 -1.37
CA ARG B 272 -15.74 -7.00 -1.72
C ARG B 272 -15.42 -5.81 -0.83
N GLY B 273 -14.14 -5.68 -0.45
CA GLY B 273 -13.69 -4.59 0.37
C GLY B 273 -12.74 -3.66 -0.36
N ALA B 274 -12.05 -2.83 0.41
CA ALA B 274 -11.07 -1.92 -0.16
C ALA B 274 -9.77 -2.66 -0.44
N ARG B 275 -8.87 -1.99 -1.17
CA ARG B 275 -7.60 -2.58 -1.55
C ARG B 275 -6.69 -2.69 -0.32
N SER B 276 -6.51 -3.92 0.16
CA SER B 276 -5.61 -4.18 1.28
C SER B 276 -5.28 -5.67 1.26
N GLY B 277 -4.50 -6.10 2.26
CA GLY B 277 -4.08 -7.48 2.35
C GLY B 277 -4.20 -7.99 3.78
N LEU B 278 -4.14 -9.31 3.89
CA LEU B 278 -4.22 -9.98 5.19
C LEU B 278 -3.23 -11.12 5.22
N ILE B 279 -2.76 -11.46 6.42
CA ILE B 279 -1.87 -12.60 6.62
C ILE B 279 -2.40 -13.39 7.82
N PHE B 280 -3.12 -14.47 7.56
CA PHE B 280 -3.58 -15.35 8.62
C PHE B 280 -2.48 -16.34 8.98
N TYR B 281 -2.03 -16.29 10.22
CA TYR B 281 -1.00 -17.19 10.73
C TYR B 281 -1.56 -17.98 11.90
N ARG B 282 -1.11 -19.23 12.03
CA ARG B 282 -1.52 -20.07 13.15
C ARG B 282 -0.62 -19.84 14.35
N LYS B 283 -1.24 -19.70 15.51
CA LYS B 283 -0.54 -19.49 16.77
C LYS B 283 -0.88 -20.63 17.74
N GLY B 284 -0.39 -20.51 18.96
CA GLY B 284 -0.67 -21.48 19.99
C GLY B 284 0.45 -22.50 20.13
N VAL B 285 0.10 -23.78 20.16
CA VAL B 285 1.04 -24.87 20.37
C VAL B 285 1.16 -25.66 19.08
N LYS B 286 2.41 -25.93 18.66
CA LYS B 286 2.64 -26.75 17.48
C LYS B 286 2.42 -28.23 17.80
N ALA B 287 3.11 -28.75 18.81
CA ALA B 287 2.99 -30.16 19.18
C ALA B 287 3.52 -30.34 20.59
N VAL B 288 3.84 -31.59 20.94
CA VAL B 288 4.35 -31.93 22.26
C VAL B 288 5.80 -32.38 22.12
N ASP B 289 6.57 -32.20 23.18
CA ASP B 289 7.85 -32.88 23.28
C ASP B 289 7.56 -34.30 23.74
N PRO B 290 7.64 -35.29 22.84
CA PRO B 290 7.20 -36.65 23.20
C PRO B 290 8.02 -37.29 24.30
N LYS B 291 9.15 -36.69 24.68
CA LYS B 291 10.02 -37.23 25.71
C LYS B 291 10.17 -36.29 26.89
N THR B 292 9.47 -35.16 26.90
CA THR B 292 9.55 -34.19 28.00
C THR B 292 8.16 -33.75 28.39
N GLY B 293 7.24 -33.70 27.42
CA GLY B 293 5.92 -33.18 27.68
C GLY B 293 5.81 -31.67 27.62
N ARG B 294 6.87 -30.99 27.24
CA ARG B 294 6.86 -29.53 27.17
C ARG B 294 6.08 -29.07 25.94
N GLU B 295 5.62 -27.82 26.01
CA GLU B 295 4.83 -27.24 24.93
C GLU B 295 5.76 -26.70 23.84
N ILE B 296 5.55 -27.17 22.61
CA ILE B 296 6.26 -26.65 21.44
C ILE B 296 5.32 -25.67 20.74
N PRO B 297 5.57 -24.36 20.81
CA PRO B 297 4.63 -23.39 20.27
C PRO B 297 4.82 -23.13 18.77
N TYR B 298 3.72 -22.72 18.14
CA TYR B 298 3.77 -22.19 16.79
C TYR B 298 4.54 -20.86 16.82
N THR B 299 5.73 -20.83 16.23
CA THR B 299 6.56 -19.64 16.18
C THR B 299 6.28 -18.78 14.95
N PHE B 300 5.06 -18.83 14.42
CA PHE B 300 4.72 -18.06 13.23
C PHE B 300 4.50 -16.59 13.54
N GLU B 301 3.81 -16.30 14.64
CA GLU B 301 3.30 -14.97 14.94
C GLU B 301 4.34 -13.86 14.87
N ASP B 302 5.27 -13.85 15.82
CA ASP B 302 6.18 -12.72 15.97
C ASP B 302 7.08 -12.51 14.75
N ARG B 303 7.27 -13.55 13.92
CA ARG B 303 8.01 -13.35 12.68
C ARG B 303 7.15 -12.64 11.64
N ILE B 304 5.90 -13.07 11.48
CA ILE B 304 5.00 -12.44 10.51
C ILE B 304 4.76 -10.99 10.89
N ASN B 305 4.49 -10.74 12.18
CA ASN B 305 4.25 -9.37 12.62
C ASN B 305 5.49 -8.50 12.46
N PHE B 306 6.69 -9.07 12.64
CA PHE B 306 7.90 -8.29 12.52
C PHE B 306 8.22 -7.96 11.07
N ALA B 307 7.92 -8.87 10.15
CA ALA B 307 8.24 -8.64 8.75
C ALA B 307 7.43 -7.48 8.18
N VAL B 308 6.17 -7.36 8.60
CA VAL B 308 5.33 -6.27 8.11
C VAL B 308 5.83 -4.93 8.63
N PHE B 309 6.00 -4.82 9.95
CA PHE B 309 6.67 -3.68 10.56
C PHE B 309 7.59 -4.28 11.63
N PRO B 310 8.86 -3.87 11.68
CA PRO B 310 9.45 -2.73 10.95
C PRO B 310 10.09 -3.06 9.61
N SER B 311 10.19 -4.36 9.26
CA SER B 311 11.05 -4.76 8.15
C SER B 311 10.64 -4.10 6.84
N LEU B 312 9.42 -4.36 6.38
CA LEU B 312 9.03 -4.01 5.02
C LEU B 312 8.24 -2.71 4.91
N GLN B 313 7.29 -2.46 5.81
CA GLN B 313 6.39 -1.32 5.69
C GLN B 313 6.70 -0.30 6.77
N GLY B 314 5.93 0.78 6.76
CA GLY B 314 6.03 1.82 7.76
C GLY B 314 4.68 2.16 8.36
N GLY B 315 4.16 3.35 8.03
CA GLY B 315 2.86 3.75 8.50
C GLY B 315 1.75 2.95 7.87
N PRO B 316 0.96 2.26 8.70
CA PRO B 316 -0.16 1.50 8.16
C PRO B 316 -1.22 2.41 7.59
N HIS B 317 -1.90 1.92 6.56
CA HIS B 317 -3.02 2.65 5.97
C HIS B 317 -4.26 2.36 6.80
N ASN B 318 -4.35 3.05 7.94
CA ASN B 318 -5.46 2.83 8.87
C ASN B 318 -6.81 3.08 8.22
N HIS B 319 -6.87 3.97 7.24
CA HIS B 319 -8.12 4.18 6.52
C HIS B 319 -8.50 2.98 5.68
N ALA B 320 -7.54 2.15 5.29
CA ALA B 320 -7.87 0.91 4.60
C ALA B 320 -8.19 -0.21 5.58
N ILE B 321 -7.54 -0.23 6.74
CA ILE B 321 -7.87 -1.21 7.76
C ILE B 321 -9.33 -1.06 8.20
N ALA B 322 -9.80 0.17 8.31
CA ALA B 322 -11.20 0.40 8.67
C ALA B 322 -12.13 -0.04 7.54
N ALA B 323 -11.83 0.38 6.31
CA ALA B 323 -12.64 -0.03 5.17
C ALA B 323 -12.64 -1.55 4.99
N VAL B 324 -11.62 -2.24 5.50
CA VAL B 324 -11.60 -3.69 5.46
C VAL B 324 -12.47 -4.26 6.58
N ALA B 325 -12.26 -3.77 7.81
CA ALA B 325 -13.07 -4.24 8.93
C ALA B 325 -14.55 -4.03 8.66
N VAL B 326 -14.89 -2.96 7.96
CA VAL B 326 -16.28 -2.76 7.52
C VAL B 326 -16.72 -3.91 6.63
N ALA B 327 -15.90 -4.24 5.63
CA ALA B 327 -16.24 -5.31 4.70
C ALA B 327 -16.14 -6.69 5.34
N LEU B 328 -15.35 -6.84 6.41
CA LEU B 328 -15.32 -8.11 7.11
C LEU B 328 -16.58 -8.32 7.95
N LYS B 329 -17.10 -7.23 8.52
CA LYS B 329 -18.39 -7.29 9.21
C LYS B 329 -19.49 -7.78 8.28
N GLN B 330 -19.69 -7.09 7.15
CA GLN B 330 -20.67 -7.48 6.15
C GLN B 330 -20.26 -8.73 5.38
N ALA B 331 -19.29 -9.49 5.89
CA ALA B 331 -18.92 -10.78 5.34
C ALA B 331 -19.30 -11.96 6.23
N CYS B 332 -19.43 -11.74 7.54
CA CYS B 332 -19.93 -12.76 8.45
C CYS B 332 -21.45 -12.86 8.44
N THR B 333 -22.11 -12.17 7.52
CA THR B 333 -23.57 -12.02 7.49
C THR B 333 -24.18 -12.94 6.45
N PRO B 334 -25.43 -13.37 6.68
CA PRO B 334 -26.11 -14.22 5.69
C PRO B 334 -26.30 -13.54 4.35
N MET B 335 -26.34 -12.21 4.33
CA MET B 335 -26.38 -11.49 3.05
C MET B 335 -25.17 -11.86 2.19
N PHE B 336 -24.02 -12.07 2.82
CA PHE B 336 -22.80 -12.36 2.07
C PHE B 336 -22.76 -13.80 1.59
N ARG B 337 -23.39 -14.73 2.32
CA ARG B 337 -23.46 -16.11 1.84
C ARG B 337 -24.35 -16.22 0.62
N GLU B 338 -25.50 -15.52 0.62
CA GLU B 338 -26.33 -15.44 -0.57
C GLU B 338 -25.53 -14.89 -1.75
N TYR B 339 -24.63 -13.95 -1.48
CA TYR B 339 -23.77 -13.40 -2.53
C TYR B 339 -22.86 -14.46 -3.10
N SER B 340 -22.08 -15.12 -2.24
CA SER B 340 -21.12 -16.11 -2.71
C SER B 340 -21.83 -17.28 -3.39
N LEU B 341 -22.98 -17.69 -2.88
CA LEU B 341 -23.73 -18.77 -3.51
C LEU B 341 -24.19 -18.36 -4.90
N GLN B 342 -24.67 -17.12 -5.05
CA GLN B 342 -25.00 -16.62 -6.39
C GLN B 342 -23.76 -16.55 -7.27
N VAL B 343 -22.61 -16.20 -6.68
CA VAL B 343 -21.37 -16.15 -7.45
C VAL B 343 -21.03 -17.53 -8.02
N LEU B 344 -21.10 -18.55 -7.18
CA LEU B 344 -20.85 -19.92 -7.64
C LEU B 344 -21.84 -20.31 -8.74
N LYS B 345 -23.13 -20.09 -8.50
CA LYS B 345 -24.15 -20.44 -9.47
C LYS B 345 -24.02 -19.63 -10.74
N ASN B 346 -23.59 -18.37 -10.65
CA ASN B 346 -23.39 -17.55 -11.84
C ASN B 346 -22.17 -17.99 -12.64
N ALA B 347 -21.22 -18.69 -12.00
CA ALA B 347 -20.06 -19.21 -12.73
C ALA B 347 -20.48 -20.36 -13.64
N ARG B 348 -21.14 -21.37 -13.06
CA ARG B 348 -21.60 -22.51 -13.87
C ARG B 348 -22.60 -22.07 -14.92
N ALA B 349 -23.50 -21.15 -14.57
CA ALA B 349 -24.46 -20.63 -15.54
C ALA B 349 -23.78 -19.86 -16.65
N MET B 350 -22.55 -19.42 -16.44
CA MET B 350 -21.74 -18.87 -17.52
C MET B 350 -20.93 -19.94 -18.23
N ALA B 351 -20.52 -20.99 -17.51
CA ALA B 351 -19.80 -22.09 -18.14
C ALA B 351 -20.75 -22.94 -18.97
N ASP B 352 -21.82 -23.45 -18.36
CA ASP B 352 -22.78 -24.29 -19.08
C ASP B 352 -23.41 -23.53 -20.25
N ALA B 353 -23.56 -22.21 -20.13
CA ALA B 353 -24.02 -21.44 -21.27
C ALA B 353 -22.94 -21.35 -22.34
N LEU B 354 -21.69 -21.14 -21.93
CA LEU B 354 -20.59 -21.07 -22.90
C LEU B 354 -20.31 -22.43 -23.51
N LEU B 355 -20.45 -23.50 -22.71
CA LEU B 355 -20.29 -24.85 -23.26
C LEU B 355 -21.26 -25.10 -24.40
N GLU B 356 -22.52 -24.72 -24.22
CA GLU B 356 -23.57 -24.95 -25.22
C GLU B 356 -23.69 -23.77 -26.19
N ARG B 357 -22.58 -23.39 -26.80
CA ARG B 357 -22.57 -22.31 -27.77
C ARG B 357 -21.31 -22.39 -28.65
N GLY B 358 -20.47 -23.39 -28.38
CA GLY B 358 -19.27 -23.59 -29.18
C GLY B 358 -17.99 -23.16 -28.49
N TYR B 359 -17.88 -23.45 -27.19
CA TYR B 359 -16.72 -23.06 -26.42
C TYR B 359 -16.36 -24.17 -25.45
N SER B 360 -15.06 -24.42 -25.30
CA SER B 360 -14.56 -25.43 -24.38
C SER B 360 -14.10 -24.77 -23.09
N LEU B 361 -14.15 -25.55 -22.00
CA LEU B 361 -13.84 -25.05 -20.66
C LEU B 361 -12.64 -25.82 -20.12
N VAL B 362 -11.57 -25.09 -19.82
CA VAL B 362 -10.40 -25.70 -19.19
C VAL B 362 -10.80 -26.26 -17.83
N SER B 363 -10.16 -27.36 -17.44
CA SER B 363 -10.50 -28.11 -16.23
C SER B 363 -11.93 -28.64 -16.27
N GLY B 364 -12.38 -29.03 -17.47
CA GLY B 364 -13.73 -29.53 -17.64
C GLY B 364 -14.77 -28.43 -17.60
N GLY B 365 -14.87 -27.76 -16.46
CA GLY B 365 -15.80 -26.65 -16.31
C GLY B 365 -15.31 -25.65 -15.27
N THR B 366 -16.02 -25.58 -14.14
CA THR B 366 -15.61 -24.71 -13.05
C THR B 366 -16.01 -25.37 -11.73
N ASP B 367 -15.63 -24.72 -10.63
CA ASP B 367 -15.96 -25.20 -9.30
C ASP B 367 -15.86 -24.05 -8.30
N ASN B 368 -15.62 -22.85 -8.82
CA ASN B 368 -15.52 -21.66 -7.97
C ASN B 368 -16.22 -20.46 -8.60
N HIS B 369 -15.54 -19.32 -8.63
CA HIS B 369 -16.14 -18.06 -9.07
C HIS B 369 -15.85 -17.73 -10.52
N LEU B 370 -14.79 -18.29 -11.10
CA LEU B 370 -14.37 -17.93 -12.45
C LEU B 370 -14.33 -19.16 -13.34
N VAL B 371 -14.31 -18.92 -14.65
CA VAL B 371 -14.24 -19.97 -15.65
C VAL B 371 -13.06 -19.68 -16.57
N LEU B 372 -12.40 -20.74 -17.02
CA LEU B 372 -11.24 -20.61 -17.92
C LEU B 372 -11.71 -20.97 -19.33
N VAL B 373 -12.16 -19.96 -20.06
CA VAL B 373 -12.60 -20.15 -21.44
C VAL B 373 -11.40 -20.53 -22.29
N ASP B 374 -11.61 -21.49 -23.19
CA ASP B 374 -10.61 -21.87 -24.19
C ASP B 374 -11.15 -21.45 -25.56
N LEU B 375 -10.55 -20.42 -26.14
CA LEU B 375 -10.96 -19.93 -27.45
C LEU B 375 -10.22 -20.60 -28.59
N ARG B 376 -9.29 -21.51 -28.29
CA ARG B 376 -8.57 -22.20 -29.38
C ARG B 376 -9.50 -23.08 -30.20
N PRO B 377 -10.36 -23.93 -29.62
CA PRO B 377 -11.37 -24.63 -30.45
C PRO B 377 -12.50 -23.70 -30.86
N LYS B 378 -12.16 -22.56 -31.46
CA LYS B 378 -13.13 -21.58 -31.91
C LYS B 378 -12.47 -20.61 -32.89
N GLY B 379 -11.19 -20.84 -33.18
CA GLY B 379 -10.49 -20.07 -34.18
C GLY B 379 -10.02 -18.70 -33.74
N LEU B 380 -10.16 -18.36 -32.46
CA LEU B 380 -9.70 -17.07 -31.98
C LEU B 380 -8.89 -17.24 -30.70
N ASP B 381 -8.63 -16.15 -29.99
CA ASP B 381 -7.77 -16.20 -28.82
C ASP B 381 -8.20 -15.12 -27.83
N GLY B 382 -7.62 -15.17 -26.64
CA GLY B 382 -7.96 -14.21 -25.61
C GLY B 382 -7.47 -12.81 -25.92
N ALA B 383 -6.31 -12.72 -26.59
CA ALA B 383 -5.76 -11.41 -26.94
C ALA B 383 -6.60 -10.73 -28.01
N ARG B 384 -7.18 -11.49 -28.94
CA ARG B 384 -8.03 -10.90 -29.97
C ARG B 384 -9.42 -10.60 -29.44
N ALA B 385 -10.00 -11.54 -28.68
CA ALA B 385 -11.35 -11.33 -28.16
C ALA B 385 -11.40 -10.16 -27.19
N GLU B 386 -10.40 -10.05 -26.31
CA GLU B 386 -10.39 -8.97 -25.32
C GLU B 386 -10.55 -7.62 -25.99
N ARG B 387 -9.63 -7.27 -26.89
CA ARG B 387 -9.67 -5.97 -27.54
C ARG B 387 -11.00 -5.73 -28.25
N VAL B 388 -11.60 -6.79 -28.80
CA VAL B 388 -12.95 -6.66 -29.36
C VAL B 388 -13.97 -6.47 -28.26
N LEU B 389 -13.96 -7.36 -27.26
CA LEU B 389 -14.89 -7.24 -26.14
C LEU B 389 -14.65 -5.95 -25.37
N GLU B 390 -13.38 -5.58 -25.18
CA GLU B 390 -13.04 -4.35 -24.46
C GLU B 390 -13.65 -3.13 -25.15
N LEU B 391 -13.88 -3.21 -26.46
CA LEU B 391 -14.39 -2.07 -27.22
C LEU B 391 -15.90 -1.93 -27.14
N VAL B 392 -16.61 -2.86 -26.50
CA VAL B 392 -18.06 -2.76 -26.37
C VAL B 392 -18.45 -2.85 -24.89
N SER B 393 -17.66 -2.20 -24.04
CA SER B 393 -17.95 -2.08 -22.60
C SER B 393 -18.04 -3.43 -21.91
N ILE B 394 -17.33 -4.43 -22.42
CA ILE B 394 -17.20 -5.73 -21.77
C ILE B 394 -15.73 -5.96 -21.50
N THR B 395 -15.37 -6.06 -20.22
CA THR B 395 -13.97 -6.10 -19.81
C THR B 395 -13.62 -7.46 -19.24
N ALA B 396 -12.74 -8.18 -19.94
CA ALA B 396 -12.12 -9.39 -19.41
C ALA B 396 -10.61 -9.23 -19.59
N ASN B 397 -9.89 -10.35 -19.63
CA ASN B 397 -8.46 -10.31 -19.89
C ASN B 397 -8.05 -11.56 -20.65
N LYS B 398 -6.87 -11.49 -21.26
CA LYS B 398 -6.31 -12.68 -21.87
C LYS B 398 -6.01 -13.73 -20.81
N ASN B 399 -5.65 -14.93 -21.27
CA ASN B 399 -5.26 -15.99 -20.34
C ASN B 399 -4.53 -17.07 -21.12
N THR B 400 -3.51 -17.63 -20.49
CA THR B 400 -2.78 -18.76 -21.06
C THR B 400 -3.45 -20.05 -20.59
N CYS B 401 -3.96 -20.82 -21.53
CA CYS B 401 -4.49 -22.14 -21.27
C CYS B 401 -3.44 -23.19 -21.58
N PRO B 402 -3.59 -24.41 -21.06
CA PRO B 402 -2.64 -25.48 -21.42
C PRO B 402 -2.48 -25.64 -22.92
N GLY B 403 -3.59 -25.76 -23.65
CA GLY B 403 -3.54 -25.82 -25.09
C GLY B 403 -3.27 -24.48 -25.73
N ASP B 404 -2.12 -23.89 -25.42
CA ASP B 404 -1.67 -22.65 -26.05
C ASP B 404 -0.35 -22.89 -26.77
N ARG B 405 0.01 -21.98 -27.65
CA ARG B 405 1.18 -22.14 -28.49
C ARG B 405 2.22 -21.03 -28.35
N SER B 406 1.90 -19.93 -27.65
CA SER B 406 2.86 -18.82 -27.55
C SER B 406 2.58 -17.94 -26.34
N ALA B 407 2.54 -16.63 -26.55
CA ALA B 407 2.36 -15.69 -25.45
C ALA B 407 1.71 -14.39 -25.93
N ILE B 408 2.12 -13.88 -27.09
CA ILE B 408 1.50 -12.67 -27.62
C ILE B 408 0.08 -12.93 -28.09
N THR B 409 -0.26 -14.19 -28.39
CA THR B 409 -1.61 -14.59 -28.74
C THR B 409 -2.02 -15.78 -27.87
N PRO B 410 -2.36 -15.53 -26.61
CA PRO B 410 -2.78 -16.62 -25.73
C PRO B 410 -4.19 -17.10 -26.08
N GLY B 411 -4.39 -18.41 -26.07
CA GLY B 411 -5.67 -18.98 -26.42
C GLY B 411 -6.58 -19.16 -25.23
N GLY B 412 -7.45 -18.19 -24.96
CA GLY B 412 -8.42 -18.29 -23.90
C GLY B 412 -8.57 -16.99 -23.11
N LEU B 413 -9.73 -16.84 -22.49
CA LEU B 413 -10.05 -15.66 -21.68
C LEU B 413 -10.32 -16.08 -20.24
N ARG B 414 -10.23 -15.10 -19.34
CA ARG B 414 -10.59 -15.29 -17.94
C ARG B 414 -11.87 -14.51 -17.67
N LEU B 415 -12.91 -15.21 -17.24
CA LEU B 415 -14.21 -14.61 -16.97
C LEU B 415 -14.56 -14.81 -15.50
N GLY B 416 -15.03 -13.76 -14.85
CA GLY B 416 -15.35 -13.83 -13.43
C GLY B 416 -16.80 -13.51 -13.11
N ALA B 417 -17.25 -14.00 -11.96
CA ALA B 417 -18.61 -13.78 -11.48
C ALA B 417 -18.71 -12.64 -10.47
N PRO B 418 -17.87 -12.58 -9.42
CA PRO B 418 -18.15 -11.66 -8.30
C PRO B 418 -18.36 -10.21 -8.70
N ALA B 419 -17.77 -9.76 -9.81
CA ALA B 419 -17.92 -8.37 -10.21
C ALA B 419 -19.38 -8.03 -10.50
N LEU B 420 -20.00 -8.75 -11.41
CA LEU B 420 -21.37 -8.43 -11.80
C LEU B 420 -22.40 -8.92 -10.80
N THR B 421 -22.11 -10.01 -10.08
CA THR B 421 -23.06 -10.54 -9.10
C THR B 421 -23.39 -9.50 -8.03
N SER B 422 -22.46 -8.58 -7.76
CA SER B 422 -22.72 -7.50 -6.82
C SER B 422 -23.76 -6.52 -7.35
N ARG B 423 -23.97 -6.47 -8.66
CA ARG B 423 -25.08 -5.72 -9.24
C ARG B 423 -26.36 -6.55 -9.29
N GLN B 424 -26.48 -7.56 -8.42
CA GLN B 424 -27.64 -8.45 -8.34
C GLN B 424 -27.91 -9.13 -9.68
N PHE B 425 -26.90 -9.86 -10.15
CA PHE B 425 -26.99 -10.62 -11.38
C PHE B 425 -27.48 -12.04 -11.07
N ARG B 426 -28.29 -12.58 -11.97
CA ARG B 426 -28.83 -13.92 -11.85
C ARG B 426 -28.34 -14.78 -13.01
N GLU B 427 -28.73 -16.06 -12.98
CA GLU B 427 -28.30 -16.99 -14.02
C GLU B 427 -28.74 -16.53 -15.40
N ASP B 428 -30.00 -16.06 -15.51
CA ASP B 428 -30.47 -15.52 -16.78
C ASP B 428 -29.73 -14.24 -17.16
N ASP B 429 -29.25 -13.48 -16.17
CA ASP B 429 -28.50 -12.27 -16.45
C ASP B 429 -27.11 -12.58 -16.98
N PHE B 430 -26.56 -13.74 -16.63
CA PHE B 430 -25.24 -14.14 -17.09
C PHE B 430 -25.28 -14.92 -18.41
N ARG B 431 -26.31 -15.75 -18.61
CA ARG B 431 -26.49 -16.38 -19.92
C ARG B 431 -26.73 -15.36 -21.01
N ARG B 432 -27.08 -14.12 -20.64
CA ARG B 432 -27.26 -13.06 -21.61
C ARG B 432 -25.93 -12.44 -22.04
N VAL B 433 -25.03 -12.18 -21.08
CA VAL B 433 -23.73 -11.62 -21.46
C VAL B 433 -22.91 -12.64 -22.22
N VAL B 434 -23.18 -13.93 -22.02
CA VAL B 434 -22.59 -14.95 -22.89
C VAL B 434 -23.11 -14.79 -24.31
N ASP B 435 -24.43 -14.53 -24.44
CA ASP B 435 -24.97 -14.19 -25.75
C ASP B 435 -24.39 -12.88 -26.26
N PHE B 436 -24.00 -11.97 -25.36
CA PHE B 436 -23.26 -10.79 -25.78
C PHE B 436 -21.85 -11.16 -26.21
N ILE B 437 -21.18 -12.02 -25.45
CA ILE B 437 -19.81 -12.40 -25.77
C ILE B 437 -19.74 -13.12 -27.10
N ASP B 438 -20.55 -14.17 -27.27
CA ASP B 438 -20.56 -14.91 -28.53
C ASP B 438 -20.99 -14.03 -29.69
N GLU B 439 -21.87 -13.06 -29.44
CA GLU B 439 -22.19 -12.06 -30.46
C GLU B 439 -21.07 -11.06 -30.65
N GLY B 440 -20.05 -11.07 -29.79
CA GLY B 440 -18.90 -10.19 -29.95
C GLY B 440 -17.69 -10.94 -30.44
N VAL B 441 -17.55 -12.21 -30.02
CA VAL B 441 -16.47 -13.04 -30.52
C VAL B 441 -16.58 -13.19 -32.04
N ASN B 442 -17.78 -13.50 -32.52
CA ASN B 442 -18.03 -13.66 -33.95
C ASN B 442 -18.02 -12.33 -34.72
N ILE B 443 -17.64 -11.23 -34.08
CA ILE B 443 -17.36 -9.99 -34.80
C ILE B 443 -15.91 -9.93 -35.24
N GLY B 444 -14.98 -10.27 -34.34
CA GLY B 444 -13.58 -10.32 -34.71
C GLY B 444 -13.24 -11.58 -35.48
N LEU B 445 -14.05 -12.63 -35.33
CA LEU B 445 -13.81 -13.86 -36.06
C LEU B 445 -13.94 -13.67 -37.57
N GLU B 446 -14.67 -12.65 -38.00
CA GLU B 446 -14.71 -12.27 -39.41
C GLU B 446 -13.60 -11.30 -39.79
N VAL B 447 -12.83 -10.83 -38.81
CA VAL B 447 -11.70 -9.94 -39.06
C VAL B 447 -10.37 -10.68 -38.98
N LYS B 448 -10.24 -11.62 -38.04
CA LYS B 448 -9.06 -12.49 -38.04
C LYS B 448 -9.00 -13.32 -39.32
N SER B 449 -10.16 -13.70 -39.86
CA SER B 449 -10.23 -14.29 -41.18
C SER B 449 -10.16 -13.26 -42.30
N LYS B 450 -9.97 -11.98 -41.95
CA LYS B 450 -9.81 -10.92 -42.92
C LYS B 450 -8.59 -10.05 -42.68
N THR B 451 -7.87 -10.23 -41.58
CA THR B 451 -6.65 -9.50 -41.28
C THR B 451 -5.58 -10.49 -40.82
N ALA B 452 -4.39 -9.98 -40.53
CA ALA B 452 -3.24 -10.83 -40.24
C ALA B 452 -3.07 -11.08 -38.75
N LYS B 453 -2.30 -10.23 -38.08
CA LYS B 453 -1.91 -10.45 -36.69
C LYS B 453 -2.63 -9.46 -35.77
N LEU B 454 -2.13 -9.37 -34.53
CA LEU B 454 -2.76 -8.52 -33.52
C LEU B 454 -2.73 -7.06 -33.94
N GLN B 455 -1.58 -6.58 -34.41
CA GLN B 455 -1.47 -5.19 -34.84
C GLN B 455 -2.39 -4.90 -36.02
N ASP B 456 -2.68 -5.91 -36.84
CA ASP B 456 -3.64 -5.76 -37.92
C ASP B 456 -5.07 -5.85 -37.39
N PHE B 457 -5.34 -6.88 -36.58
CA PHE B 457 -6.63 -7.12 -35.95
C PHE B 457 -7.23 -5.84 -35.35
N LYS B 458 -6.49 -5.19 -34.45
CA LYS B 458 -7.00 -4.01 -33.77
C LYS B 458 -7.12 -2.82 -34.71
N SER B 459 -6.27 -2.76 -35.74
CA SER B 459 -6.24 -1.58 -36.60
C SER B 459 -7.55 -1.40 -37.36
N PHE B 460 -8.13 -2.50 -37.86
CA PHE B 460 -9.37 -2.40 -38.61
C PHE B 460 -10.55 -2.05 -37.71
N LEU B 461 -10.51 -2.46 -36.44
CA LEU B 461 -11.63 -2.26 -35.53
C LEU B 461 -11.96 -0.79 -35.30
N LEU B 462 -11.08 0.14 -35.72
CA LEU B 462 -11.24 1.54 -35.37
C LEU B 462 -11.57 2.44 -36.56
N LYS B 463 -11.32 2.01 -37.79
CA LYS B 463 -11.66 2.79 -38.97
C LYS B 463 -12.64 2.10 -39.89
N ASP B 464 -12.66 0.77 -39.94
CA ASP B 464 -13.61 0.03 -40.76
C ASP B 464 -15.03 0.32 -40.32
N SER B 465 -15.73 1.18 -41.07
CA SER B 465 -17.08 1.58 -40.68
C SER B 465 -18.03 0.38 -40.65
N GLU B 466 -17.77 -0.64 -41.46
CA GLU B 466 -18.61 -1.84 -41.41
C GLU B 466 -18.45 -2.57 -40.09
N THR B 467 -17.29 -2.44 -39.44
CA THR B 467 -17.08 -2.99 -38.11
C THR B 467 -17.17 -1.93 -37.02
N SER B 468 -16.77 -0.69 -37.32
CA SER B 468 -16.91 0.39 -36.34
C SER B 468 -18.37 0.59 -35.94
N GLN B 469 -19.24 0.78 -36.94
CA GLN B 469 -20.67 0.93 -36.65
C GLN B 469 -21.27 -0.37 -36.13
N ARG B 470 -20.68 -1.52 -36.49
CA ARG B 470 -21.14 -2.80 -35.98
C ARG B 470 -20.85 -2.95 -34.48
N LEU B 471 -19.84 -2.25 -33.97
CA LEU B 471 -19.55 -2.24 -32.54
C LEU B 471 -20.40 -1.23 -31.78
N ALA B 472 -20.59 -0.04 -32.36
CA ALA B 472 -21.41 0.99 -31.70
C ALA B 472 -22.83 0.50 -31.44
N ASN B 473 -23.31 -0.49 -32.21
CA ASN B 473 -24.60 -1.10 -31.91
C ASN B 473 -24.50 -1.95 -30.65
N LEU B 474 -23.47 -2.81 -30.57
CA LEU B 474 -23.34 -3.69 -29.41
C LEU B 474 -22.99 -2.89 -28.16
N ARG B 475 -22.16 -1.85 -28.30
CA ARG B 475 -21.86 -1.00 -27.15
C ARG B 475 -23.12 -0.35 -26.59
N GLN B 476 -23.94 0.21 -27.48
CA GLN B 476 -25.22 0.77 -27.04
C GLN B 476 -26.11 -0.30 -26.42
N ARG B 477 -26.09 -1.51 -26.99
CA ARG B 477 -26.91 -2.59 -26.44
C ARG B 477 -26.33 -3.14 -25.14
N VAL B 478 -25.00 -3.10 -24.98
CA VAL B 478 -24.39 -3.55 -23.74
C VAL B 478 -24.55 -2.51 -22.65
N GLU B 479 -24.30 -1.24 -22.98
CA GLU B 479 -24.45 -0.16 -22.01
C GLU B 479 -25.90 -0.06 -21.52
N GLN B 480 -26.85 -0.03 -22.45
CA GLN B 480 -28.26 0.07 -22.07
C GLN B 480 -28.71 -1.13 -21.25
N PHE B 481 -28.12 -2.30 -21.49
CA PHE B 481 -28.48 -3.48 -20.71
C PHE B 481 -27.88 -3.41 -19.30
N ALA B 482 -26.60 -3.04 -19.20
CA ALA B 482 -25.92 -3.10 -17.91
C ALA B 482 -26.25 -1.89 -17.03
N ARG B 483 -26.38 -0.71 -17.62
CA ARG B 483 -26.51 0.52 -16.85
C ARG B 483 -27.76 0.54 -15.96
N ALA B 484 -28.69 -0.38 -16.15
CA ALA B 484 -29.90 -0.46 -15.33
C ALA B 484 -29.79 -1.52 -14.24
N PHE B 485 -28.57 -1.82 -13.79
CA PHE B 485 -28.36 -2.73 -12.67
C PHE B 485 -27.84 -1.96 -11.45
N PRO B 486 -28.21 -2.37 -10.23
CA PRO B 486 -27.84 -1.59 -9.05
C PRO B 486 -26.36 -1.66 -8.70
N MET B 487 -25.59 -0.68 -9.18
CA MET B 487 -24.17 -0.61 -8.84
C MET B 487 -24.00 -0.26 -7.36
N PRO B 488 -23.12 -0.95 -6.63
CA PRO B 488 -22.85 -0.55 -5.24
C PRO B 488 -22.03 0.72 -5.14
N GLY B 489 -21.78 1.17 -3.92
CA GLY B 489 -20.98 2.37 -3.72
C GLY B 489 -21.77 3.65 -3.92
N PHE B 490 -21.04 4.77 -3.91
CA PHE B 490 -21.66 6.08 -4.09
C PHE B 490 -22.36 6.16 -5.44
N ASP B 491 -23.39 7.00 -5.50
CA ASP B 491 -24.08 7.22 -6.77
C ASP B 491 -23.22 8.02 -7.74
N GLU B 492 -22.48 9.00 -7.23
CA GLU B 492 -21.84 10.00 -8.09
C GLU B 492 -20.36 9.73 -8.34
N HIS B 493 -19.70 8.94 -7.51
CA HIS B 493 -18.28 8.68 -7.68
C HIS B 493 -17.82 7.40 -6.98
#